data_1PQQ
#
_entry.id   1PQQ
#
loop_
_entity.id
_entity.type
_entity.pdbx_description
1 polymer "5'-D(*CP*GP*CP*TP*AP*AP*CP*AP*GP*GP*C)-3'"
2 polymer "5'-D(*GP*CP*CP*TP*GP*TP*TP*AP*GP*CP*G)-3'"
3 non-polymer 45-(3-AMINOPROPYL)-5,11,22,28,34-PENTAMETHYL-3,9,15,20,26,32,38,43-OCTAOXO-2,5,8,14,19,22,25,28,31,34,37,42,45,48-TETRADECAAZA-11-AZONIAHEPTACYCLO[42.2.1.1~4,7~.1~10,13~.1~21,24~.1~27,30~.1~33,36~]DOPENTACONTA-1(46),4(52),6,10(51),12,21(50),23,27(49),29,33(48),35,44(47)-DODECAENE
#
loop_
_entity_poly.entity_id
_entity_poly.type
_entity_poly.pdbx_seq_one_letter_code
_entity_poly.pdbx_strand_id
1 'polydeoxyribonucleotide' (DC)(DG)(DC)(DT)(DA)(DA)(DC)(DA)(DG)(DG)(DC) A
2 'polydeoxyribonucleotide' (DG)(DC)(DC)(DT)(DG)(DT)(DT)(DA)(DG)(DC)(DG) B
#
loop_
_chem_comp.id
_chem_comp.type
_chem_comp.name
_chem_comp.formula
CYE non-polymer 45-(3-AMINOPROPYL)-5,11,22,28,34-PENTAMETHYL-3,9,15,20,26,32,38,43-OCTAOXO-2,5,8,14,19,22,25,28,31,34,37,42,45,48-TETRADECAAZA-11-AZONIAHEPTACYCLO[42.2.1.1~4,7~.1~10,13~.1~21,24~.1~27,30~.1~33,36~]DOPENTACONTA-1(46),4(52),6,10(51),12,21(50),23,27(49),29,33(48),35,44(47)-DODECAENE 'C45 H55 N16 O8 1'
DA DNA linking 2'-DEOXYADENOSINE-5'-MONOPHOSPHATE 'C10 H14 N5 O6 P'
DC DNA linking 2'-DEOXYCYTIDINE-5'-MONOPHOSPHATE 'C9 H14 N3 O7 P'
DG DNA linking 2'-DEOXYGUANOSINE-5'-MONOPHOSPHATE 'C10 H14 N5 O7 P'
DT DNA linking THYMIDINE-5'-MONOPHOSPHATE 'C10 H15 N2 O8 P'
#
# COMPACT_ATOMS: atom_id res chain seq x y z
N16 CYE C . 4.88 0.80 4.62
C2 CYE C . 5.85 1.67 3.92
C3 CYE C . 5.32 3.08 3.63
C39 CYE C . 4.32 3.18 2.46
N14 CYE C . 2.98 2.66 2.78
C38 CYE C . 2.63 1.39 2.48
C36 CYE C . 1.30 1.18 2.78
N13 CYE C . 0.56 0.04 2.58
C35 CYE C . 1.06 -1.18 2.55
O7 CYE C . 2.24 -1.40 2.80
C34 CYE C . 0.06 -2.22 2.19
C31 CYE C . -1.30 -2.15 1.78
C30 CYE C . -1.75 -3.46 1.56
N11 CYE C . -3.03 -3.79 1.14
C29 CYE C . -3.52 -5.03 1.05
O6 CYE C . -2.87 -6.03 1.35
C28 CYE C . -4.91 -5.08 0.52
C25 CYE C . -5.73 -4.06 -0.05
C24 CYE C . -6.96 -4.62 -0.38
N9 CYE C . -7.97 -3.93 -1.01
C23 CYE C . -9.12 -4.42 -1.42
O5 CYE C . -9.55 -5.51 -1.07
C41 CYE C . -9.95 -3.58 -2.39
C21 CYE C . -10.21 -4.32 -3.71
C20 CYE C . -9.12 -4.24 -4.78
N8 CYE C . -7.76 -4.34 -4.24
C22 CYE C . -7.13 -5.48 -3.99
O4 CYE C . -7.67 -6.56 -4.18
C19 CYE C . -5.77 -5.26 -3.47
C16 CYE C . -5.00 -4.08 -3.25
C15 CYE C . -3.75 -4.47 -2.73
N6 CYE C . -2.73 -3.59 -2.41
C14 CYE C . -1.48 -3.95 -2.10
O3 CYE C . -1.12 -5.13 -2.18
C13 CYE C . -0.58 -2.85 -1.68
C10 CYE C . -0.78 -1.46 -1.51
C9 CYE C . 0.43 -0.88 -1.08
N4 CYE C . 0.62 0.46 -0.84
C8 CYE C . 1.79 1.10 -0.83
O2 CYE C . 2.84 0.50 -1.05
C7 CYE C . 1.71 2.57 -0.56
N2 CYE C . 0.66 3.24 -0.01
C4 CYE C . 1.10 4.52 0.16
N15 CYE C . 0.31 5.41 0.82
C44 CYE C . 0.69 6.61 1.26
O8 CYE C . 1.74 7.14 0.97
C45 CYE C . -0.27 7.32 2.21
C43 CYE C . 0.39 7.60 3.57
C42 CYE C . 0.33 6.46 4.60
N1 CYE C . 0.70 5.15 4.05
C1 CYE C . 1.92 4.72 3.76
O1 CYE C . 2.90 5.45 3.84
C40 CYE C . 1.88 3.32 3.32
C37 CYE C . 0.81 2.37 3.28
C5 CYE C . 2.39 4.65 -0.30
N3 CYE C . 2.77 3.44 -0.78
C6 CYE C . 4.09 3.17 -1.37
C11 CYE C . 1.32 -1.91 -0.97
N5 CYE C . 0.75 -3.09 -1.32
C12 CYE C . 1.50 -4.36 -1.31
C17 CYE C . -3.80 -5.83 -2.61
N7 CYE C . -4.99 -6.32 -3.03
C18 CYE C . -5.30 -7.75 -3.00
C26 CYE C . -6.89 -5.96 -0.04
N10 CYE C . -5.66 -6.24 0.48
C27 CYE C . -5.29 -7.60 0.94
C32 CYE C . -0.69 -4.29 1.81
N12 CYE C . 0.40 -3.56 2.17
C33 CYE C . 1.70 -4.20 2.44
H55 CYE C . 4.65 1.22 5.52
H56 CYE C . 4.03 0.69 4.09
H2 CYE C . 6.75 1.77 4.53
H3 CYE C . 6.14 1.21 2.97
H4 CYE C . 6.17 3.70 3.38
H5 CYE C . 4.86 3.49 4.54
H43 CYE C . 4.71 2.64 1.61
H44 CYE C . 4.22 4.22 2.17
H42 CYE C . 3.32 0.69 2.04
H40 CYE C . -0.44 0.12 2.51
H35 CYE C . -1.93 -1.29 1.61
H34 CYE C . -3.68 -3.06 0.91
H29 CYE C . -5.49 -3.04 -0.22
H28 CYE C . -7.79 -2.95 -1.24
H45 CYE C . -9.47 -2.62 -2.59
H46 CYE C . -10.92 -3.40 -1.93
H26 CYE C . -11.13 -3.90 -4.15
H27 CYE C . -10.43 -5.36 -3.50
H24 CYE C . -9.30 -5.03 -5.51
H25 CYE C . -9.22 -3.29 -5.31
H23 CYE C . -7.23 -3.50 -4.09
H17 CYE C . -5.25 -3.05 -3.45
H16 CYE C . -2.91 -2.60 -2.44
H11 CYE C . -1.67 -0.87 -1.67
H10 CYE C . -0.20 1.07 -0.81
H51 CYE C . -0.63 5.17 1.05
H52 CYE C . -0.52 8.26 1.75
H53 CYE C . -1.18 6.73 2.35
H49 CYE C . 1.42 7.90 3.42
H50 CYE C . -0.12 8.46 4.02
H47 CYE C . 0.99 6.71 5.43
H48 CYE C . -0.69 6.41 4.99
H1 CYE C . 0.03 4.39 4.04
H41 CYE C . -0.22 2.49 3.55
H6 CYE C . 3.03 5.51 -0.30
H7 CYE C . 3.96 2.69 -2.34
H8 CYE C . 4.63 4.10 -1.51
H9 CYE C . 4.67 2.51 -0.73
H12 CYE C . 2.36 -1.86 -0.66
H13 CYE C . 1.52 -4.78 -2.32
H14 CYE C . 2.52 -4.18 -0.98
H15 CYE C . 1.01 -5.06 -0.63
H18 CYE C . -3.04 -6.50 -2.23
H19 CYE C . -6.24 -7.89 -2.45
H20 CYE C . -5.42 -8.11 -4.02
H22 CYE C . -4.51 -8.30 -2.50
H30 CYE C . -7.65 -6.72 -0.15
H21 CYE C . 5.28 -0.11 4.79
H31 CYE C . -4.98 -7.55 1.98
H32 CYE C . -6.15 -8.27 0.85
H33 CYE C . -4.48 -7.97 0.33
H36 CYE C . -0.64 -5.36 1.74
H37 CYE C . 2.40 -3.93 1.65
H38 CYE C . 2.08 -3.86 3.40
H39 CYE C . 1.60 -5.29 2.47
N16 CYE C . 8.77 9.13 -0.98
C2 CYE C . 8.76 8.14 0.11
C3 CYE C . 7.52 7.24 0.06
C39 CYE C . 7.52 6.23 1.22
N14 CYE C . 6.27 5.47 1.27
C38 CYE C . 6.17 4.24 0.70
C36 CYE C . 4.93 3.70 0.93
N13 CYE C . 4.44 2.46 0.54
C35 CYE C . 5.19 1.42 0.23
O7 CYE C . 6.41 1.45 0.35
C34 CYE C . 4.43 0.23 -0.23
C31 CYE C . 3.05 -0.01 -0.46
C30 CYE C . 2.89 -1.35 -0.86
N11 CYE C . 1.68 -1.97 -1.12
C29 CYE C . 1.49 -3.25 -1.36
O6 CYE C . 2.42 -4.06 -1.38
C28 CYE C . 0.07 -3.63 -1.58
C25 CYE C . -1.10 -2.83 -1.70
C24 CYE C . -2.20 -3.67 -1.89
N9 CYE C . -3.49 -3.21 -2.05
C23 CYE C . -4.57 -3.96 -2.16
O5 CYE C . -4.59 -5.17 -1.92
C41 CYE C . -5.87 -3.28 -2.58
C21 CYE C . -6.36 -3.80 -3.93
C20 CYE C . -5.77 -3.11 -5.17
N8 CYE C . -4.31 -2.94 -5.10
C22 CYE C . -3.43 -3.89 -5.37
O4 CYE C . -3.79 -5.03 -5.67
C19 CYE C . -2.04 -3.42 -5.21
C16 CYE C . -1.49 -2.15 -4.90
C15 CYE C . -0.10 -2.28 -4.80
N6 CYE C . 0.78 -1.26 -4.51
C14 CYE C . 2.11 -1.34 -4.51
O3 CYE C . 2.69 -2.36 -4.89
C13 CYE C . 2.84 -0.13 -4.04
C10 CYE C . 2.38 1.13 -3.56
C9 CYE C . 3.50 1.91 -3.23
N4 CYE C . 3.46 3.19 -2.75
C8 CYE C . 4.43 4.10 -2.83
O2 CYE C . 5.52 3.83 -3.35
C7 CYE C . 4.08 5.44 -2.26
N2 CYE C . 3.08 5.73 -1.39
C4 CYE C . 3.24 7.07 -1.08
N15 CYE C . 2.45 7.64 -0.12
C44 CYE C . 2.67 8.79 0.48
O8 CYE C . 3.54 9.58 0.11
C45 CYE C . 1.79 9.14 1.66
C43 CYE C . 2.63 9.48 2.91
C42 CYE C . 3.05 8.27 3.77
N1 CYE C . 3.59 7.16 2.99
C1 CYE C . 4.83 7.07 2.52
O1 CYE C . 5.63 8.01 2.64
C40 CYE C . 5.07 5.78 1.86
C37 CYE C . 4.21 4.65 1.66
C5 CYE C . 4.28 7.59 -1.80
N3 CYE C . 4.82 6.59 -2.54
C6 CYE C . 5.94 6.77 -3.47
C11 CYE C . 4.61 1.13 -3.50
N5 CYE C . 4.22 -0.08 -3.98
C12 CYE C . 5.21 -1.11 -4.35
C17 CYE C . 0.17 -3.60 -5.06
N7 CYE C . -0.98 -4.29 -5.30
C18 CYE C . -0.98 -5.73 -5.59
C26 CYE C . -1.71 -4.96 -1.91
N10 CYE C . -0.36 -4.94 -1.71
C27 CYE C . 0.44 -6.18 -1.67
C32 CYE C . 4.15 -1.88 -0.91
N12 CYE C . 5.08 -0.96 -0.55
C33 CYE C . 6.51 -1.28 -0.51
H55 CYE C . 9.61 9.71 -0.91
H56 CYE C . 8.78 8.68 -1.89
H2 CYE C . 9.65 7.50 0.04
H3 CYE C . 8.78 8.65 1.07
H4 CYE C . 7.49 6.69 -0.88
H5 CYE C . 6.62 7.87 0.14
H43 CYE C . 7.66 6.73 2.17
H44 CYE C . 8.35 5.53 1.09
H42 CYE C . 7.00 3.80 0.16
H40 CYE C . 3.45 2.31 0.56
H35 CYE C . 2.20 0.66 -0.36
H34 CYE C . 0.82 -1.42 -1.03
H29 CYE C . -1.19 -1.76 -1.67
H28 CYE C . -3.63 -2.22 -2.13
H45 CYE C . -5.77 -2.21 -2.60
H46 CYE C . -6.61 -3.56 -1.85
H26 CYE C . -6.18 -4.87 -4.00
H27 CYE C . -7.45 -3.66 -3.97
H24 CYE C . -6.04 -3.72 -6.04
H25 CYE C . -6.25 -2.15 -5.29
H23 CYE C . -3.93 -2.02 -4.96
H17 CYE C . -1.99 -1.21 -4.74
H16 CYE C . 0.40 -0.35 -4.29
H11 CYE C . 1.37 1.50 -3.44
H10 CYE C . 2.56 3.55 -2.44
H51 CYE C . 1.64 7.14 0.20
H52 CYE C . 1.24 10.03 1.39
H53 CYE C . 1.10 8.34 1.88
H49 CYE C . 3.52 10.04 2.62
H50 CYE C . 2.03 10.14 3.54
H47 CYE C . 3.79 8.62 4.49
H48 CYE C . 2.17 7.94 4.33
H1 CYE C . 3.10 6.28 2.92
H41 CYE C . 3.20 4.50 1.96
H6 CYE C . 4.66 8.60 -1.80
H7 CYE C . 6.81 6.20 -3.12
H8 CYE C . 5.67 6.42 -4.46
H9 CYE C . 6.22 7.83 -3.53
H12 CYE C . 5.65 1.38 -3.36
H13 CYE C . 5.04 -2.01 -3.75
H14 CYE C . 5.10 -1.36 -5.41
H15 CYE C . 6.22 -0.74 -4.17
H18 CYE C . 1.13 -4.11 -5.07
H19 CYE C . 0.05 -6.11 -5.60
H20 CYE C . -1.54 -6.25 -4.83
H22 CYE C . -1.42 -5.90 -6.57
H30 CYE C . -2.26 -5.88 -2.04
H21 CYE C . 7.97 9.75 -0.92
H31 CYE C . 1.18 -6.17 -2.47
H32 CYE C . 0.95 -6.25 -0.71
H33 CYE C . -0.21 -7.05 -1.79
H36 CYE C . 4.44 -2.87 -1.20
H37 CYE C . 7.05 -0.61 -1.17
H38 CYE C . 6.88 -1.17 0.50
H39 CYE C . 6.67 -2.30 -0.85
N16 CYE C . 7.66 7.28 1.33
C2 CYE C . 7.10 6.92 0.01
C3 CYE C . 5.65 6.41 0.08
C39 CYE C . 5.47 5.31 1.12
N14 CYE C . 4.17 4.64 1.05
C38 CYE C . 4.02 3.54 0.28
C36 CYE C . 2.79 2.96 0.50
N13 CYE C . 2.26 1.82 -0.05
C35 CYE C . 2.97 0.87 -0.65
O7 CYE C . 4.18 0.92 -0.76
C34 CYE C . 2.13 -0.24 -1.17
C31 CYE C . 0.73 -0.45 -1.24
C30 CYE C . 0.48 -1.70 -1.81
N11 CYE C . -0.76 -2.26 -2.02
C29 CYE C . -1.02 -3.49 -2.43
O6 CYE C . -0.14 -4.33 -2.61
C28 CYE C . -2.47 -3.74 -2.62
C25 CYE C . -3.57 -2.85 -2.61
C24 CYE C . -4.75 -3.57 -2.83
N9 CYE C . -5.98 -2.97 -2.85
C23 CYE C . -7.09 -3.30 -3.50
O5 CYE C . -8.05 -2.57 -3.38
C41 CYE C . -7.18 -4.53 -4.40
C21 CYE C . -7.90 -4.22 -5.72
C20 CYE C . -7.39 -2.98 -6.50
N8 CYE C . -5.96 -2.71 -6.30
C22 CYE C . -4.97 -3.49 -6.69
O4 CYE C . -5.19 -4.52 -7.33
C19 CYE C . -3.66 -3.01 -6.22
C16 CYE C . -3.23 -1.78 -5.63
C15 CYE C . -1.84 -1.84 -5.50
N6 CYE C . -1.04 -0.80 -5.06
C14 CYE C . 0.29 -0.76 -5.19
O3 CYE C . 0.91 -1.64 -5.78
C13 CYE C . 0.95 0.43 -4.59
C10 CYE C . 0.45 1.56 -3.89
C9 CYE C . 1.53 2.37 -3.54
N4 CYE C . 1.42 3.56 -2.86
C8 CYE C . 2.35 4.54 -2.84
O2 CYE C . 3.39 4.46 -3.50
C7 CYE C . 1.99 5.71 -1.99
N2 CYE C . 1.02 5.75 -1.04
C4 CYE C . 1.16 6.98 -0.44
N15 CYE C . 0.40 7.25 0.66
C44 CYE C . 0.46 8.33 1.40
O8 CYE C . 1.05 9.35 1.07
C45 CYE C . -0.25 8.27 2.74
C43 CYE C . 0.76 8.26 3.89
C42 CYE C . 1.24 6.87 4.36
N1 CYE C . 1.67 5.99 3.27
C1 CYE C . 2.83 6.05 2.60
O1 CYE C . 3.58 7.01 2.71
C40 CYE C . 3.01 4.87 1.75
C37 CYE C . 2.15 3.78 1.43
C5 CYE C . 2.16 7.69 -1.03
N3 CYE C . 2.67 6.92 -2.03
C6 CYE C . 3.75 7.37 -2.94
C11 CYE C . 2.66 1.74 -3.99
N5 CYE C . 2.33 0.59 -4.63
C12 CYE C . 3.36 -0.28 -5.24
C17 CYE C . -1.47 -3.10 -5.90
N7 CYE C . -2.54 -3.81 -6.33
C18 CYE C . -2.41 -5.19 -6.80
C26 CYE C . -4.38 -4.90 -2.92
N10 CYE C . -3.01 -5.00 -2.85
C27 CYE C . -2.31 -6.30 -2.95
C32 CYE C . 1.72 -2.24 -2.09
N12 CYE C . 2.71 -1.38 -1.72
C33 CYE C . 4.13 -1.71 -1.90
H55 CYE C . 7.72 6.44 1.93
H56 CYE C . 8.60 7.64 1.24
H2 CYE C . 7.13 7.79 -0.65
H3 CYE C . 7.72 6.14 -0.43
H4 CYE C . 5.38 6.03 -0.90
H5 CYE C . 4.99 7.26 0.32
H43 CYE C . 5.58 5.71 2.12
H44 CYE C . 6.25 4.56 0.99
H42 CYE C . 4.82 3.19 -0.36
H40 CYE C . 1.29 1.65 0.02
H35 CYE C . -0.08 0.22 -0.94
H34 CYE C . -1.58 -1.69 -1.82
H29 CYE C . -3.56 -1.79 -2.45
H28 CYE C . -6.07 -2.04 -2.46
H45 CYE C . -7.72 -5.31 -3.88
H46 CYE C . -6.20 -4.89 -4.66
H26 CYE C . -7.80 -5.09 -6.37
H27 CYE C . -8.97 -4.09 -5.54
H24 CYE C . -7.60 -3.12 -7.56
H25 CYE C . -7.96 -2.11 -6.16
H23 CYE C . -5.68 -1.87 -5.80
H17 CYE C . -3.81 -0.90 -5.34
H16 CYE C . -1.47 0.02 -4.68
H11 CYE C . -0.57 1.82 -3.64
H10 CYE C . 0.54 3.80 -2.42
H51 CYE C . -0.24 6.56 1.00
H52 CYE C . -0.87 9.17 2.81
H53 CYE C . -0.90 7.41 2.80
H49 CYE C . 1.62 8.88 3.64
H50 CYE C . 0.28 8.73 4.76
H47 CYE C . 2.05 7.01 5.06
H48 CYE C . 0.42 6.40 4.90
H1 CYE C . 1.24 5.08 3.15
H41 CYE C . 1.16 3.55 1.79
H6 CYE C . 2.52 8.67 -0.79
H7 CYE C . 3.37 7.37 -3.97
H8 CYE C . 4.08 8.37 -2.67
H9 CYE C . 4.60 6.69 -2.88
H12 CYE C . 3.69 2.06 -3.89
H13 CYE C . 3.30 -1.27 -4.79
H14 CYE C . 3.18 -0.35 -6.31
H15 CYE C . 4.35 0.14 -5.07
H18 CYE C . -0.48 -3.53 -5.90
H19 CYE C . -1.40 -5.54 -6.67
H20 CYE C . -3.10 -5.83 -6.24
H22 CYE C . -2.67 -5.23 -7.86
H30 CYE C . -5.00 -5.76 -3.03
H21 CYE C . 7.09 7.97 1.80
H31 CYE C . -1.71 -6.45 -2.06
H32 CYE C . -3.03 -7.11 -3.05
H33 CYE C . -1.66 -6.28 -3.82
H36 CYE C . 1.95 -3.19 -2.53
H37 CYE C . 4.24 -2.69 -2.34
H38 CYE C . 4.59 -0.97 -2.55
H39 CYE C . 4.63 -1.70 -0.94
N16 CYE C . 8.89 0.50 4.23
C2 CYE C . 8.07 1.42 3.40
C3 CYE C . 6.58 1.05 3.46
C39 CYE C . 5.80 1.75 2.34
N14 CYE C . 4.37 1.43 2.45
C38 CYE C . 3.86 0.31 1.88
C36 CYE C . 2.51 0.25 2.05
N13 CYE C . 1.62 -0.70 1.60
C35 CYE C . 1.93 -1.95 1.30
O7 CYE C . 3.07 -2.40 1.46
C34 CYE C . 0.79 -2.72 0.77
C31 CYE C . -0.54 -2.35 0.40
C30 CYE C . -1.21 -3.50 -0.03
N11 CYE C . -2.52 -3.54 -0.45
C29 CYE C . -3.25 -4.63 -0.63
O6 CYE C . -2.83 -5.76 -0.36
C28 CYE C . -4.60 -4.35 -1.19
C25 CYE C . -5.18 -3.15 -1.66
C24 CYE C . -6.46 -3.41 -2.14
N9 CYE C . -7.26 -2.46 -2.72
C23 CYE C . -8.44 -2.67 -3.29
O5 CYE C . -9.10 -3.68 -3.08
C41 CYE C . -8.98 -1.61 -4.24
C21 CYE C . -9.18 -2.16 -5.65
C20 CYE C . -7.94 -2.14 -6.58
N8 CYE C . -6.70 -2.54 -5.92
C22 CYE C . -6.32 -3.79 -5.71
O4 CYE C . -7.07 -4.73 -5.98
C19 CYE C . -4.98 -3.88 -5.12
C16 CYE C . -4.02 -2.88 -4.75
C15 CYE C . -2.90 -3.54 -4.23
N6 CYE C . -1.75 -2.90 -3.81
C14 CYE C . -0.59 -3.50 -3.57
O3 CYE C . -0.41 -4.70 -3.81
C13 CYE C . 0.47 -2.61 -3.01
C10 CYE C . 0.46 -1.25 -2.60
C9 CYE C . 1.73 -0.93 -2.10
N4 CYE C . 2.08 0.31 -1.63
C8 CYE C . 3.32 0.77 -1.46
O2 CYE C . 4.31 0.09 -1.76
C7 CYE C . 3.41 2.16 -0.89
N2 CYE C . 2.40 2.84 -0.27
C4 CYE C . 2.99 3.99 0.20
N15 CYE C . 2.27 4.81 1.01
C44 CYE C . 2.68 5.92 1.58
O8 CYE C . 3.74 6.47 1.29
C45 CYE C . 1.79 6.51 2.64
C43 CYE C . 2.45 6.47 4.03
C42 CYE C . 2.20 5.19 4.86
N1 CYE C . 2.39 3.95 4.09
C1 CYE C . 3.56 3.41 3.76
O1 CYE C . 4.62 3.95 4.01
C40 CYE C . 3.34 2.13 3.04
C37 CYE C . 2.15 1.40 2.76
C5 CYE C . 4.32 4.02 -0.14
N3 CYE C . 4.58 2.89 -0.86
C6 CYE C . 5.91 2.59 -1.43
C11 CYE C . 2.48 -2.07 -2.19
N5 CYE C . 1.76 -3.07 -2.74
C12 CYE C . 2.33 -4.41 -2.98
C17 CYE C . -3.18 -4.88 -4.24
N7 CYE C . -4.42 -5.09 -4.77
C18 CYE C . -4.97 -6.45 -4.91
C26 CYE C . -6.66 -4.77 -1.96
N10 CYE C . -5.55 -5.34 -1.41
C27 CYE C . -5.47 -6.78 -1.11
C32 CYE C . -0.29 -4.53 0.03
N12 CYE C . 0.89 -4.07 0.50
C33 CYE C . 2.06 -4.97 0.67
H55 CYE C . 8.46 0.40 5.15
H56 CYE C . 8.96 -0.41 3.82
H2 CYE C . 8.19 2.44 3.74
H3 CYE C . 8.42 1.36 2.36
H4 CYE C . 6.18 1.34 4.42
H5 CYE C . 6.47 -0.04 3.34
H43 CYE C . 6.15 1.41 1.37
H44 CYE C . 5.94 2.82 2.39
H42 CYE C . 4.50 -0.39 1.37
H40 CYE C . 0.66 -0.46 1.50
H35 CYE C . -1.01 -1.38 0.42
H34 CYE C . -3.02 -2.67 -0.57
H29 CYE C . -4.74 -2.17 -1.68
H28 CYE C . -6.88 -1.53 -2.83
H45 CYE C . -8.32 -0.73 -4.25
H46 CYE C . -9.95 -1.30 -3.87
H26 CYE C . -9.56 -3.17 -5.59
H27 CYE C . -9.95 -1.56 -6.14
H24 CYE C . -8.16 -2.80 -7.42
H25 CYE C . -7.83 -1.13 -6.97
H23 CYE C . -6.01 -1.84 -5.72
H17 CYE C . -4.07 -1.81 -4.84
H16 CYE C . -1.75 -1.90 -3.73
H11 CYE C . -0.35 -0.53 -2.65
H10 CYE C . 1.36 1.01 -1.47
H51 CYE C . 1.33 4.54 1.26
H52 CYE C . 1.60 7.55 2.38
H53 CYE C . 0.83 5.99 2.68
H49 CYE C . 3.52 6.63 3.93
H50 CYE C . 2.06 7.31 4.62
H47 CYE C . 2.87 5.20 5.72
H48 CYE C . 1.18 5.23 5.24
H1 CYE C . 1.62 3.31 3.94
H41 CYE C . 1.13 1.61 3.01
H6 CYE C . 5.06 4.77 0.09
H7 CYE C . 6.30 1.67 -0.97
H8 CYE C . 5.82 2.44 -2.50
H9 CYE C . 6.60 3.40 -1.24
H12 CYE C . 3.51 -2.21 -1.89
H13 CYE C . 2.29 -4.64 -4.04
H14 CYE C . 3.38 -4.43 -2.65
H15 CYE C . 1.77 -5.16 -2.42
H18 CYE C . -2.57 -5.70 -3.91
H19 CYE C . -5.95 -6.48 -4.40
H20 CYE C . -5.11 -6.68 -5.96
H22 CYE C . -4.32 -7.18 -4.45
H30 CYE C . -7.54 -5.35 -2.20
H21 CYE C . 9.84 0.87 4.35
H31 CYE C . -5.23 -6.93 -0.05
H32 CYE C . -6.42 -7.26 -1.32
H33 CYE C . -4.69 -7.23 -1.72
H36 CYE C . -0.44 -5.57 -0.24
H37 CYE C . 2.86 -4.64 0.03
H38 CYE C . 2.37 -4.95 1.71
H39 CYE C . 1.79 -6.00 0.40
N16 CYE C . 9.29 3.65 5.01
C2 CYE C . 8.24 3.62 3.97
C3 CYE C . 7.86 5.04 3.49
C39 CYE C . 6.93 5.01 2.28
N14 CYE C . 5.63 4.42 2.59
C38 CYE C . 5.38 3.11 2.36
C36 CYE C . 4.09 2.79 2.73
N13 CYE C . 3.47 1.57 2.64
C35 CYE C . 4.06 0.41 2.82
O7 CYE C . 5.23 0.34 3.22
C34 CYE C . 3.22 -0.76 2.51
C31 CYE C . 1.96 -0.89 1.86
C30 CYE C . 1.64 -2.24 1.78
N11 CYE C . 0.48 -2.74 1.20
C29 CYE C . 0.21 -4.02 0.95
O6 CYE C . 1.06 -4.91 1.10
C28 CYE C . -1.17 -4.26 0.47
C25 CYE C . -2.16 -3.36 -0.01
C24 CYE C . -3.32 -4.08 -0.30
N9 CYE C . -4.48 -3.50 -0.78
C23 CYE C . -5.57 -4.15 -1.18
O5 CYE C . -5.72 -5.36 -1.03
C41 CYE C . -6.69 -3.36 -1.82
C21 CYE C . -6.30 -2.66 -3.12
C20 CYE C . -5.60 -3.52 -4.17
N8 CYE C . -4.16 -3.60 -3.91
C22 CYE C . -3.45 -4.70 -3.71
O4 CYE C . -3.95 -5.82 -3.82
C19 CYE C . -2.06 -4.38 -3.34
C16 CYE C . -1.42 -3.14 -3.09
C15 CYE C . -0.09 -3.41 -2.71
N6 CYE C . 0.83 -2.45 -2.35
C14 CYE C . 2.06 -2.67 -1.91
O3 CYE C . 2.55 -3.81 -1.89
C13 CYE C . 2.78 -1.45 -1.47
C10 CYE C . 2.42 -0.08 -1.47
C9 CYE C . 3.51 0.66 -0.98
N4 CYE C . 3.52 2.03 -0.85
C8 CYE C . 4.61 2.80 -0.90
O2 CYE C . 5.73 2.33 -1.10
C7 CYE C . 4.34 4.25 -0.69
N2 CYE C . 3.21 4.79 -0.15
C4 CYE C . 3.47 6.14 -0.02
N15 CYE C . 2.57 6.93 0.63
C44 CYE C . 2.77 8.17 1.02
O8 CYE C . 3.71 8.86 0.61
C45 CYE C . 1.80 8.73 2.03
C43 CYE C . 2.52 9.19 3.31
C42 CYE C . 2.80 8.10 4.38
N1 CYE C . 3.19 6.80 3.83
C1 CYE C . 4.41 6.44 3.46
O1 CYE C . 5.34 7.26 3.43
C40 CYE C . 4.49 5.01 3.11
C37 CYE C . 3.51 3.97 3.19
C5 CYE C . 4.73 6.41 -0.50
N3 CYE C . 5.27 5.25 -0.94
C6 CYE C . 6.62 5.15 -1.53
C11 CYE C . 4.49 -0.24 -0.65
N5 CYE C . 4.07 -1.50 -0.93
C12 CYE C . 4.92 -2.68 -0.66
C17 CYE C . 0.04 -4.78 -2.75
N7 CYE C . -1.13 -5.37 -3.12
C18 CYE C . -1.26 -6.82 -3.21
C26 CYE C . -3.02 -5.40 -0.05
N10 CYE C . -1.74 -5.52 0.39
C27 CYE C . -1.14 -6.81 0.75
C32 CYE C . 2.66 -2.92 2.38
N12 CYE C . 3.61 -2.05 2.82
C33 CYE C . 4.82 -2.51 3.52
H55 CYE C . 8.98 4.21 5.81
H56 CYE C . 9.50 2.72 5.34
H2 CYE C . 8.59 3.05 3.12
H3 CYE C . 7.35 3.15 4.38
H4 CYE C . 8.78 5.56 3.21
H5 CYE C . 7.39 5.58 4.30
H43 CYE C . 7.39 4.44 1.47
H44 CYE C . 6.78 6.03 1.91
H42 CYE C . 6.13 2.45 1.95
H40 CYE C . 2.47 1.56 2.54
H35 CYE C . 1.32 -0.11 1.48
H34 CYE C . -0.27 -2.11 0.99
H29 CYE C . -2.09 -2.30 -0.16
H28 CYE C . -4.50 -2.50 -0.89
H45 CYE C . -7.03 -2.60 -1.10
H46 CYE C . -7.51 -4.04 -2.01
H26 CYE C . -7.23 -2.27 -3.57
H27 CYE C . -5.68 -1.81 -2.90
H24 CYE C . -6.06 -4.51 -4.21
H25 CYE C . -5.73 -3.05 -5.15
H23 CYE C . -3.64 -2.74 -3.78
H17 CYE C . -1.81 -2.14 -3.13
H16 CYE C . 0.54 -1.48 -2.36
H11 CYE C . 1.51 0.40 -1.79
H10 CYE C . 2.63 2.52 -0.86
H51 CYE C . 1.69 6.54 0.91
H52 CYE C . 1.33 9.60 1.58
H53 CYE C . 1.03 8.01 2.28
H49 CYE C . 3.46 9.66 3.05
H50 CYE C . 1.91 9.95 3.79
H47 CYE C . 3.57 8.48 5.03
H48 CYE C . 1.89 7.98 4.98
H1 CYE C . 2.57 6.01 3.91
H41 CYE C . 2.49 4.00 3.51
H6 CYE C . 5.25 7.36 -0.53
H7 CYE C . 7.26 4.55 -0.89
H8 CYE C . 6.55 4.67 -2.51
H9 CYE C . 7.05 6.14 -1.65
H12 CYE C . 5.46 -0.04 -0.24
H13 CYE C . 5.85 -2.38 -0.17
H14 CYE C . 4.38 -3.37 0.00
H15 CYE C . 5.15 -3.19 -1.60
H18 CYE C . 0.91 -5.37 -2.52
H19 CYE C . -1.63 -7.08 -4.21
H20 CYE C . -0.31 -7.31 -3.04
H22 CYE C . -1.99 -7.17 -2.48
H30 CYE C . -3.66 -6.26 -0.17
H21 CYE C . 10.14 4.07 4.65
H31 CYE C . -0.30 -7.02 0.10
H32 CYE C . -0.79 -6.78 1.79
H33 CYE C . -1.88 -7.61 0.65
H36 CYE C . 2.76 -3.99 2.53
H37 CYE C . 5.71 -2.26 2.93
H38 CYE C . 4.88 -2.02 4.49
H39 CYE C . 4.79 -3.58 3.67
N16 CYE C . 2.16 11.35 2.48
C2 CYE C . 3.03 11.20 1.30
C3 CYE C . 2.83 9.83 0.61
C39 CYE C . 3.52 8.68 1.36
N14 CYE C . 2.74 7.44 1.24
C38 CYE C . 3.02 6.50 0.30
C36 CYE C . 2.12 5.46 0.38
N13 CYE C . 2.06 4.29 -0.35
C35 CYE C . 2.95 3.86 -1.22
O7 CYE C . 3.91 4.54 -1.57
C34 CYE C . 2.67 2.49 -1.72
C31 CYE C . 1.50 1.69 -1.72
C30 CYE C . 1.80 0.48 -2.36
N11 CYE C . 0.91 -0.54 -2.59
C29 CYE C . 1.23 -1.76 -3.04
O6 CYE C . 2.40 -2.13 -3.17
C28 CYE C . 0.05 -2.60 -3.37
C25 CYE C . -1.34 -2.31 -3.39
C24 CYE C . -2.03 -3.45 -3.77
N9 CYE C . -3.40 -3.52 -3.87
C23 CYE C . -4.09 -4.52 -4.40
O5 CYE C . -3.57 -5.57 -4.80
C41 CYE C . -5.60 -4.41 -4.50
C21 CYE C . -6.09 -3.29 -5.42
C20 CYE C . -5.52 -3.26 -6.84
N8 CYE C . -4.21 -2.61 -6.84
C22 CYE C . -3.07 -3.14 -7.23
O4 CYE C . -3.01 -4.25 -7.76
C19 CYE C . -1.94 -2.25 -6.90
C16 CYE C . -1.91 -0.95 -6.32
C15 CYE C . -0.57 -0.54 -6.25
N6 CYE C . -0.15 0.68 -5.79
C14 CYE C . 1.07 1.18 -5.92
O3 CYE C . 1.95 0.59 -6.56
C13 CYE C . 1.27 2.50 -5.26
C10 CYE C . 0.42 3.31 -4.46
C9 CYE C . 1.13 4.44 -4.06
N4 CYE C . 0.63 5.45 -3.26
C8 CYE C . 1.13 6.68 -3.17
O2 CYE C . 2.11 7.04 -3.83
C7 CYE C . 0.38 7.59 -2.23
N2 CYE C . -0.47 7.22 -1.23
C4 CYE C . -0.79 8.39 -0.59
N15 CYE C . -1.54 8.37 0.56
C44 CYE C . -1.52 9.31 1.48
O8 CYE C . -0.77 10.29 1.44
C45 CYE C . -2.46 9.14 2.65
C43 CYE C . -1.75 9.23 4.00
C42 CYE C . -0.98 7.97 4.44
N1 CYE C . -0.13 7.41 3.38
C1 CYE C . 1.05 7.86 3.02
O1 CYE C . 1.53 8.87 3.53
C40 CYE C . 1.63 7.04 1.95
C37 CYE C . 1.23 5.80 1.40
C5 CYE C . -0.22 9.46 -1.23
N3 CYE C . 0.53 8.97 -2.26
C6 CYE C . 1.32 9.82 -3.16
C11 CYE C . 2.40 4.31 -4.60
N5 CYE C . 2.49 3.17 -5.32
C12 CYE C . 3.74 2.79 -6.02
C17 CYE C . 0.18 -1.60 -6.73
N7 CYE C . -0.63 -2.63 -7.10
C18 CYE C . -0.09 -3.88 -7.64
C26 CYE C . -1.08 -4.43 -4.00
N10 CYE C . 0.17 -3.92 -3.78
C27 CYE C . 1.39 -4.73 -3.95
C32 CYE C . 3.12 0.56 -2.74
N12 CYE C . 3.65 1.76 -2.36
C33 CYE C . 5.05 2.12 -2.65
H55 CYE C . 2.37 12.20 2.98
H56 CYE C . 1.19 11.35 2.20
H2 CYE C . 2.82 11.98 0.57
H3 CYE C . 4.08 11.28 1.59
H4 CYE C . 3.23 9.88 -0.40
H5 CYE C . 1.76 9.64 0.54
H43 CYE C . 3.64 8.90 2.41
H44 CYE C . 4.51 8.51 0.95
H42 CYE C . 3.86 6.61 -0.36
H40 CYE C . 1.33 3.62 -0.16
H35 CYE C . 0.50 1.91 -1.35
H34 CYE C . -0.07 -0.39 -2.42
H29 CYE C . -1.83 -1.39 -3.15
H28 CYE C . -3.93 -2.72 -3.56
H45 CYE C . -6.00 -4.23 -3.52
H46 CYE C . -6.00 -5.35 -4.87
H26 CYE C . -7.17 -3.38 -5.50
H27 CYE C . -5.86 -2.34 -4.94
H24 CYE C . -5.48 -4.28 -7.24
H25 CYE C . -6.19 -2.67 -7.46
H23 CYE C . -4.11 -1.71 -6.41
H17 CYE C . -2.72 -0.32 -6.00
H16 CYE C . -0.83 1.29 -5.35
H11 CYE C . -0.61 3.14 -4.18
H10 CYE C . -0.26 5.30 -2.82
H51 CYE C . -2.15 7.59 0.74
H52 CYE C . -3.18 9.95 2.59
H53 CYE C . -2.99 8.20 2.57
H49 CYE C . -1.06 10.09 4.01
H50 CYE C . -2.50 9.44 4.77
H47 CYE C . -0.36 8.21 5.30
H48 CYE C . -1.70 7.22 4.76
H1 CYE C . -0.31 6.51 2.97
H41 CYE C . 0.41 5.16 1.68
H6 CYE C . -0.29 10.51 -1.00
H7 CYE C . 1.16 9.52 -4.19
H8 CYE C . 1.04 10.86 -3.03
H9 CYE C . 2.38 9.71 -2.92
H12 CYE C . 3.23 4.99 -4.49
H13 CYE C . 4.10 1.84 -5.62
H14 CYE C . 3.53 2.68 -7.09
H15 CYE C . 4.49 3.55 -5.89
H18 CYE C . 1.25 -1.67 -6.81
H19 CYE C . -0.51 -4.71 -7.07
H20 CYE C . -0.39 -3.98 -8.69
H22 CYE C . 0.98 -3.89 -7.57
H30 CYE C . -1.22 -5.45 -4.31
H21 CYE C . 2.27 10.56 3.11
H31 CYE C . 1.94 -4.76 -3.01
H32 CYE C . 1.12 -5.75 -4.24
H33 CYE C . 2.02 -4.29 -4.73
H36 CYE C . 3.72 -0.16 -3.26
H37 CYE C . 5.53 2.42 -1.72
H38 CYE C . 5.58 1.26 -3.07
H39 CYE C . 5.08 2.93 -3.36
N16 CYE C . 7.55 6.48 1.64
C2 CYE C . 7.04 6.37 0.25
C3 CYE C . 5.53 6.08 0.19
C39 CYE C . 5.09 5.03 1.21
N14 CYE C . 3.76 4.47 0.99
C38 CYE C . 3.60 3.34 0.27
C36 CYE C . 2.33 2.84 0.43
N13 CYE C . 1.79 1.68 -0.07
C35 CYE C . 2.49 0.64 -0.48
O7 CYE C . 3.72 0.61 -0.38
C34 CYE C . 1.69 -0.49 -1.01
C31 CYE C . 0.30 -0.65 -1.27
C30 CYE C . 0.09 -1.95 -1.76
N11 CYE C . -1.15 -2.49 -2.08
C29 CYE C . -1.39 -3.75 -2.39
O6 CYE C . -0.51 -4.61 -2.35
C28 CYE C . -2.80 -4.03 -2.76
C25 CYE C . -3.91 -3.16 -2.94
C24 CYE C . -5.02 -3.93 -3.35
N9 CYE C . -6.25 -3.39 -3.65
C23 CYE C . -7.24 -4.02 -4.27
O5 CYE C . -7.21 -5.22 -4.52
C41 CYE C . -8.48 -3.24 -4.67
C21 CYE C . -8.25 -2.13 -5.68
C20 CYE C . -7.52 -2.51 -6.97
N8 CYE C . -6.07 -2.47 -6.78
C22 CYE C . -5.24 -3.49 -6.89
O4 CYE C . -5.61 -4.60 -7.30
C19 CYE C . -3.89 -3.12 -6.44
C16 CYE C . -3.36 -1.89 -5.94
C15 CYE C . -2.00 -2.10 -5.67
N6 CYE C . -1.14 -1.11 -5.22
C14 CYE C . 0.18 -1.21 -5.16
O3 CYE C . 0.78 -2.21 -5.56
C13 CYE C . 0.84 -0.01 -4.58
C10 CYE C . 0.33 1.18 -4.02
C9 CYE C . 1.42 1.97 -3.61
N4 CYE C . 1.28 3.21 -3.01
C8 CYE C . 2.23 4.15 -2.94
O2 CYE C . 3.34 3.99 -3.48
C7 CYE C . 1.82 5.36 -2.20
N2 CYE C . 0.75 5.48 -1.37
C4 CYE C . 0.84 6.72 -0.80
N15 CYE C . -0.02 7.06 0.19
C44 CYE C . -0.02 8.19 0.85
O8 CYE C . 0.57 9.20 0.49
C45 CYE C . -0.78 8.21 2.17
C43 CYE C . 0.17 8.37 3.36
C42 CYE C . 0.75 7.06 3.95
N1 CYE C . 1.19 6.09 2.95
C1 CYE C . 2.39 6.06 2.35
O1 CYE C . 3.18 6.99 2.45
C40 CYE C . 2.56 4.82 1.57
C37 CYE C . 1.66 3.76 1.25
C5 CYE C . 1.94 7.38 -1.31
N3 CYE C . 2.54 6.55 -2.20
C6 CYE C . 3.73 6.93 -3.00
C11 CYE C . 2.55 1.27 -3.90
N5 CYE C . 2.23 0.08 -4.48
C12 CYE C . 3.26 -0.87 -4.93
C17 CYE C . -1.74 -3.41 -5.96
N7 CYE C . -2.86 -4.04 -6.41
C18 CYE C . -2.86 -5.45 -6.79
C26 CYE C . -4.59 -5.23 -3.39
N10 CYE C . -3.27 -5.30 -3.04
C27 CYE C . -2.54 -6.59 -2.99
C32 CYE C . 1.32 -2.53 -1.85
N12 CYE C . 2.29 -1.68 -1.40
C33 CYE C . 3.71 -2.07 -1.38
H55 CYE C . 8.53 6.75 1.63
H56 CYE C . 7.03 7.16 2.16
H2 CYE C . 7.25 7.28 -0.30
H3 CYE C . 7.56 5.55 -0.24
H4 CYE C . 5.29 5.72 -0.81
H5 CYE C . 4.98 7.00 0.37
H43 CYE C . 5.13 5.45 2.22
H44 CYE C . 5.79 4.19 1.18
H42 CYE C . 4.43 2.90 -0.25
H40 CYE C . 0.79 1.57 -0.06
H35 CYE C . -0.51 0.05 -1.12
H34 CYE C . -1.96 -1.89 -2.03
H29 CYE C . -3.96 -2.10 -2.82
H28 CYE C . -6.39 -2.40 -3.47
H45 CYE C . -8.91 -2.81 -3.77
H46 CYE C . -9.21 -3.94 -5.07
H26 CYE C . -9.22 -1.73 -5.95
H27 CYE C . -7.69 -1.33 -5.18
H24 CYE C . -7.87 -3.48 -7.31
H25 CYE C . -7.78 -1.78 -7.74
H23 CYE C . -5.65 -1.63 -6.44
H17 CYE C . -3.85 -0.95 -5.79
H16 CYE C . -1.52 -0.22 -4.97
H11 CYE C . -0.70 1.49 -3.90
H10 CYE C . 0.38 3.50 -2.69
H51 CYE C . -0.68 6.38 0.51
H52 CYE C . -1.45 9.07 2.15
H53 CYE C . -1.38 7.31 2.29
H49 CYE C . 1.01 9.01 3.07
H50 CYE C . -0.37 8.87 4.16
H47 CYE C . 1.58 7.33 4.60
H48 CYE C . -0.03 6.61 4.57
H1 CYE C . 0.72 5.20 2.86
H41 CYE C . 0.64 3.61 1.55
H6 CYE C . 2.31 8.37 -1.06
H7 CYE C . 4.09 7.91 -2.68
H8 CYE C . 4.52 6.19 -2.86
H9 CYE C . 3.46 6.97 -4.05
H12 CYE C . 3.57 1.55 -3.71
H13 CYE C . 3.12 -1.82 -4.40
H14 CYE C . 3.18 -1.04 -6.00
H15 CYE C . 4.26 -0.49 -4.70
H18 CYE C . -0.80 -3.95 -5.88
H19 CYE C . -3.65 -5.96 -6.24
H20 CYE C . -3.05 -5.54 -7.86
H22 CYE C . -1.91 -5.91 -6.55
H30 CYE C . -5.15 -6.10 -3.65
H21 CYE C . 7.50 5.58 2.12
H31 CYE C . -2.14 -6.73 -1.98
H32 CYE C . -3.22 -7.41 -3.21
H33 CYE C . -1.74 -6.58 -3.71
H36 CYE C . 1.57 -3.52 -2.20
H37 CYE C . 4.07 -2.02 -0.35
H38 CYE C . 3.83 -3.08 -1.75
H39 CYE C . 4.29 -1.38 -1.99
N16 CYE C . 7.51 3.71 6.03
C2 CYE C . 7.43 3.19 4.65
C3 CYE C . 6.05 2.59 4.33
C39 CYE C . 4.87 3.54 4.61
N14 CYE C . 3.53 2.98 4.38
C38 CYE C . 3.30 1.77 3.81
C36 CYE C . 1.95 1.50 3.74
N13 CYE C . 1.31 0.40 3.22
C35 CYE C . 1.87 -0.78 3.03
O7 CYE C . 3.02 -1.03 3.39
C34 CYE C . 0.99 -1.77 2.35
C31 CYE C . -0.29 -1.66 1.75
C30 CYE C . -0.66 -2.92 1.27
N11 CYE C . -1.86 -3.21 0.65
C29 CYE C . -2.34 -4.41 0.37
O6 CYE C . -1.74 -5.45 0.67
C28 CYE C . -3.64 -4.38 -0.33
C25 CYE C . -4.38 -3.30 -0.86
C24 CYE C . -5.56 -3.78 -1.44
N9 CYE C . -6.47 -2.98 -2.09
C23 CYE C . -7.58 -3.40 -2.67
O5 CYE C . -8.13 -4.47 -2.39
C41 CYE C . -8.21 -2.50 -3.73
C21 CYE C . -8.20 -3.19 -5.10
C20 CYE C . -6.92 -3.02 -5.94
N8 CYE C . -5.67 -3.16 -5.18
C22 CYE C . -5.09 -4.31 -4.89
O4 CYE C . -5.63 -5.39 -5.16
C19 CYE C . -3.78 -4.13 -4.21
C16 CYE C . -3.09 -2.97 -3.76
C15 CYE C . -1.90 -3.39 -3.15
N6 CYE C . -0.95 -2.55 -2.60
C14 CYE C . 0.26 -2.91 -2.19
O3 CYE C . 0.68 -4.06 -2.37
C13 CYE C . 1.05 -1.84 -1.52
C10 CYE C . 0.76 -0.49 -1.20
C9 CYE C . 1.86 0.05 -0.52
N4 CYE C . 1.93 1.35 -0.04
C8 CYE C . 3.05 2.00 0.28
O2 CYE C . 4.17 1.48 0.19
C7 CYE C . 2.84 3.40 0.75
N2 CYE C . 1.66 3.96 1.17
C4 CYE C . 1.99 5.21 1.62
N15 CYE C . 1.04 5.97 2.24
C44 CYE C . 1.26 7.06 2.94
O8 CYE C . 2.33 7.67 2.92
C45 CYE C . 0.13 7.57 3.81
C43 CYE C . 0.57 7.73 5.28
C42 CYE C . 0.49 6.47 6.16
N1 CYE C . 0.95 5.25 5.48
C1 CYE C . 2.21 4.88 5.30
O1 CYE C . 3.14 5.63 5.61
C40 CYE C . 2.31 3.55 4.69
C37 CYE C . 1.31 2.63 4.27
C5 CYE C . 3.33 5.45 1.42
N3 CYE C . 3.86 4.33 0.86
C6 CYE C . 5.30 4.20 0.51
C11 CYE C . 2.80 -0.96 -0.43
N5 CYE C . 2.34 -2.08 -1.04
C12 CYE C . 3.15 -3.31 -1.12
C17 CYE C . -1.91 -4.76 -3.21
N7 CYE C . -3.01 -5.21 -3.84
C18 CYE C . -3.26 -6.65 -4.06
C26 CYE C . -5.52 -5.15 -1.28
N10 CYE C . -4.39 -5.51 -0.62
C27 CYE C . -4.08 -6.92 -0.28
C32 CYE C . 0.41 -3.76 1.52
N12 CYE C . 1.39 -3.08 2.16
C33 CYE C . 2.64 -3.76 2.57
H55 CYE C . 7.01 4.58 6.12
H56 CYE C . 7.07 3.05 6.67
H2 CYE C . 7.63 4.01 3.94
H3 CYE C . 8.18 2.42 4.51
H4 CYE C . 5.93 1.69 4.92
H5 CYE C . 6.05 2.31 3.27
H43 CYE C . 4.97 4.43 3.98
H44 CYE C . 4.90 3.83 5.65
H42 CYE C . 4.09 1.13 3.49
H40 CYE C . 0.33 0.47 3.00
H35 CYE C . -0.93 -0.79 1.67
H34 CYE C . -2.50 -2.45 0.46
H29 CYE C . -4.14 -2.25 -0.86
H28 CYE C . -6.21 -2.02 -2.27
H45 CYE C . -7.71 -1.54 -3.78
H46 CYE C . -9.24 -2.35 -3.45
H26 CYE C . -8.41 -4.25 -4.99
H27 CYE C . -9.02 -2.77 -5.69
H24 CYE C . -6.94 -3.76 -6.73
H25 CYE C . -6.93 -2.04 -6.40
H23 CYE C . -5.09 -2.35 -5.01
H17 CYE C . -3.36 -1.93 -3.85
H16 CYE C . -1.16 -1.56 -2.55
H11 CYE C . -0.13 0.08 -1.39
H10 CYE C . 1.10 1.92 -0.06
H51 CYE C . 0.09 5.66 2.23
H52 CYE C . -0.14 8.55 3.44
H53 CYE C . -0.74 6.92 3.76
H49 CYE C . 1.60 8.11 5.32
H50 CYE C . -0.06 8.49 5.75
H47 CYE C . 1.07 6.63 7.06
H48 CYE C . -0.55 6.34 6.46
H1 CYE C . 0.31 4.50 5.28
H41 CYE C . 0.24 2.71 4.33
H6 CYE C . 3.91 6.32 1.66
H7 CYE C . 5.75 3.43 1.11
H8 CYE C . 5.37 3.93 -0.54
H9 CYE C . 5.81 5.15 0.67
H12 CYE C . 3.77 -0.91 0.03
H13 CYE C . 4.12 -3.15 -0.65
H14 CYE C . 2.64 -4.11 -0.61
H15 CYE C . 3.30 -3.57 -2.16
H18 CYE C . -1.17 -5.45 -2.83
H19 CYE C . -4.21 -6.91 -3.62
H20 CYE C . -3.28 -6.84 -5.13
H22 CYE C . -2.47 -7.23 -3.60
H30 CYE C . -6.24 -5.88 -1.63
H21 CYE C . 8.46 3.86 6.31
H31 CYE C . -3.16 -7.22 -0.78
H32 CYE C . -3.96 -7.01 0.80
H33 CYE C . -4.89 -7.57 -0.61
H36 CYE C . 0.50 -4.80 1.27
H37 CYE C . 2.61 -4.81 2.29
H38 CYE C . 3.49 -3.27 2.09
H39 CYE C . 2.76 -3.68 3.65
N16 CYE C . 7.00 6.31 4.64
C2 CYE C . 6.94 4.87 4.94
C3 CYE C . 7.12 3.98 3.70
C39 CYE C . 6.05 4.11 2.60
N14 CYE C . 4.78 3.44 2.94
C38 CYE C . 4.58 2.13 2.60
C36 CYE C . 3.30 1.75 2.91
N13 CYE C . 2.68 0.55 2.68
C35 CYE C . 3.29 -0.63 2.69
O7 CYE C . 4.49 -0.74 2.97
C34 CYE C . 2.40 -1.76 2.33
C31 CYE C . 1.14 -1.81 1.67
C30 CYE C . 0.81 -3.16 1.47
N11 CYE C . -0.31 -3.59 0.82
C29 CYE C . -0.55 -4.83 0.40
O6 CYE C . 0.26 -5.74 0.54
C28 CYE C . -1.88 -4.96 -0.25
C25 CYE C . -2.85 -3.98 -0.59
C24 CYE C . -3.96 -4.62 -1.13
N9 CYE C . -5.10 -3.96 -1.52
C23 CYE C . -6.28 -4.51 -1.77
O5 CYE C . -6.52 -5.71 -1.60
C41 CYE C . -7.38 -3.60 -2.27
C21 CYE C . -7.75 -3.91 -3.73
C20 CYE C . -6.91 -3.18 -4.79
N8 CYE C . -5.47 -3.29 -4.56
C22 CYE C . -4.72 -4.34 -4.83
O4 CYE C . -5.19 -5.37 -5.33
C19 CYE C . -3.31 -4.10 -4.43
C16 CYE C . -2.69 -3.01 -3.78
C15 CYE C . -1.35 -3.34 -3.57
N6 CYE C . -0.44 -2.53 -2.92
C14 CYE C . 0.72 -2.92 -2.40
O3 CYE C . 1.08 -4.10 -2.43
C13 CYE C . 1.51 -1.81 -1.79
C10 CYE C . 1.22 -0.44 -1.57
C9 CYE C . 2.34 0.16 -0.98
N4 CYE C . 2.41 1.49 -0.65
C8 CYE C . 3.53 2.22 -0.62
O2 CYE C . 4.63 1.73 -0.89
C7 CYE C . 3.30 3.65 -0.24
N2 CYE C . 2.20 4.17 0.36
C4 CYE C . 2.50 5.47 0.62
N15 CYE C . 1.63 6.21 1.38
C44 CYE C . 1.88 7.39 1.90
O8 CYE C . 2.80 8.12 1.53
C45 CYE C . 0.96 7.83 3.02
C43 CYE C . 1.72 8.03 4.34
C42 CYE C . 1.91 6.77 5.22
N1 CYE C . 2.30 5.57 4.47
C1 CYE C . 3.49 5.33 3.95
O1 CYE C . 4.34 6.21 3.87
C40 CYE C . 3.62 3.93 3.49
C37 CYE C . 2.67 2.87 3.45
C5 CYE C . 3.76 5.78 0.15
N3 CYE C . 4.26 4.65 -0.42
C6 CYE C . 5.59 4.57 -1.06
C11 CYE C . 3.28 -0.83 -0.82
N5 CYE C . 2.79 -2.02 -1.27
C12 CYE C . 3.58 -3.25 -1.22
C17 CYE C . -1.16 -4.59 -4.11
N7 CYE C . -2.32 -5.07 -4.62
C18 CYE C . -2.43 -6.38 -5.26
C26 CYE C . -3.66 -5.97 -1.16
N10 CYE C . -2.42 -6.18 -0.65
C27 CYE C . -1.82 -7.52 -0.55
C32 CYE C . 1.81 -3.90 2.05
N12 CYE C . 2.77 -3.07 2.56
C33 CYE C . 3.97 -3.60 3.24
H55 CYE C . 6.98 6.86 5.50
H56 CYE C . 7.82 6.55 4.12
H2 CYE C . 7.72 4.62 5.66
H3 CYE C . 5.97 4.63 5.38
H4 CYE C . 7.16 2.93 4.01
H5 CYE C . 8.09 4.22 3.26
H43 CYE C . 6.44 3.63 1.70
H44 CYE C . 5.86 5.15 2.35
H42 CYE C . 5.35 1.54 2.15
H40 CYE C . 1.69 0.52 2.59
H35 CYE C . 0.51 -1.00 1.30
H34 CYE C . -1.05 -2.94 0.61
H29 CYE C . -2.79 -2.91 -0.48
H28 CYE C . -5.07 -2.95 -1.58
H45 CYE C . -7.12 -2.55 -2.17
H46 CYE C . -8.26 -3.80 -1.65
H26 CYE C . -7.71 -4.98 -3.90
H27 CYE C . -8.80 -3.60 -3.88
H24 CYE C . -7.16 -3.58 -5.77
H25 CYE C . -7.18 -2.13 -4.78
H23 CYE C . -4.95 -2.49 -4.23
H17 CYE C . -3.10 -2.07 -3.46
H16 CYE C . -0.66 -1.55 -2.81
H11 CYE C . 0.33 0.12 -1.81
H10 CYE C . 1.55 2.03 -0.61
H51 CYE C . 0.76 5.79 1.66
H52 CYE C . 0.54 8.78 2.73
H53 CYE C . 0.15 7.12 3.16
H49 CYE C . 2.70 8.47 4.13
H50 CYE C . 1.18 8.76 4.94
H47 CYE C . 2.67 7.00 5.96
H48 CYE C . 0.98 6.59 5.74
H1 CYE C . 1.74 4.73 4.55
H41 CYE C . 1.64 2.84 3.75
H6 CYE C . 4.30 6.70 0.21
H7 CYE C . 6.20 3.83 -0.55
H8 CYE C . 5.47 4.29 -2.10
H9 CYE C . 6.09 5.55 -1.00
H12 CYE C . 4.26 -0.74 -0.38
H13 CYE C . 3.76 -3.62 -2.22
H14 CYE C . 4.54 -3.07 -0.72
H15 CYE C . 3.03 -4.01 -0.65
H18 CYE C . -0.25 -5.17 -4.16
H19 CYE C . -1.47 -6.89 -5.19
H20 CYE C . -3.18 -6.97 -4.75
H22 CYE C . -2.69 -6.25 -6.31
H30 CYE C . -4.27 -6.78 -1.53
H21 CYE C . 6.15 6.57 4.13
H31 CYE C . -2.51 -8.27 -0.93
H32 CYE C . -0.90 -7.55 -1.13
H33 CYE C . -1.60 -7.74 0.49
H36 CYE C . 1.90 -4.96 2.12
H37 CYE C . 4.84 -3.42 2.60
H38 CYE C . 4.12 -3.08 4.18
H39 CYE C . 3.86 -4.65 3.43
N16 CYE C . 8.09 1.26 6.37
C2 CYE C . 7.54 2.08 5.26
C3 CYE C . 6.03 1.82 5.05
C39 CYE C . 5.56 2.27 3.65
N14 CYE C . 4.11 2.09 3.57
C38 CYE C . 3.59 0.85 3.36
C36 CYE C . 2.21 0.89 3.40
N13 CYE C . 1.32 -0.15 3.27
C35 CYE C . 1.61 -1.44 3.48
O7 CYE C . 2.71 -1.79 3.91
C34 CYE C . 0.49 -2.36 3.22
C31 CYE C . -0.79 -2.17 2.61
C30 CYE C . -1.45 -3.41 2.58
N11 CYE C . -2.71 -3.62 2.07
C29 CYE C . -3.41 -4.75 2.13
O6 CYE C . -3.00 -5.74 2.73
C28 CYE C . -4.71 -4.67 1.42
C25 CYE C . -5.26 -3.68 0.57
C24 CYE C . -6.51 -4.10 0.12
N9 CYE C . -7.29 -3.38 -0.75
C23 CYE C . -8.46 -3.75 -1.25
O5 CYE C . -9.14 -4.66 -0.75
C41 CYE C . -8.98 -3.04 -2.49
C21 CYE C . -9.14 -4.00 -3.67
C20 CYE C . -7.90 -4.21 -4.55
N8 CYE C . -6.66 -4.39 -3.78
C22 CYE C . -6.28 -5.53 -3.20
O4 CYE C . -7.00 -6.52 -3.22
C19 CYE C . -4.96 -5.41 -2.54
C16 CYE C . -4.05 -4.33 -2.41
C15 CYE C . -2.96 -4.77 -1.65
N6 CYE C . -1.85 -4.01 -1.33
C14 CYE C . -0.73 -4.46 -0.78
O3 CYE C . -0.56 -5.67 -0.56
C13 CYE C . 0.28 -3.43 -0.45
C10 CYE C . 0.28 -2.01 -0.56
C9 CYE C . 1.50 -1.52 -0.08
N4 CYE C . 1.85 -0.19 -0.04
C8 CYE C . 3.09 0.29 0.06
O2 CYE C . 4.07 -0.45 0.10
C7 CYE C . 3.16 1.78 0.10
N2 CYE C . 2.13 2.64 0.35
C4 CYE C . 2.70 3.89 0.41
N15 CYE C . 1.93 4.94 0.81
C44 CYE C . 2.36 6.16 1.05
O8 CYE C . 3.44 6.59 0.65
C45 CYE C . 1.45 7.05 1.88
C43 CYE C . 2.12 7.46 3.20
C42 CYE C . 1.95 6.49 4.37
N1 CYE C . 2.12 5.07 4.02
C1 CYE C . 3.28 4.43 3.92
O1 CYE C . 4.35 5.02 3.96
C40 CYE C . 3.06 2.98 3.71
C37 CYE C . 1.87 2.22 3.61
C5 CYE C . 4.05 3.81 0.19
N3 CYE C . 4.35 2.50 -0.03
C6 CYE C . 5.71 2.01 -0.32
C11 CYE C . 2.23 -2.63 0.32
N5 CYE C . 1.52 -3.76 0.09
C12 CYE C . 2.08 -5.09 0.40
C17 CYE C . -3.22 -6.09 -1.33
N7 CYE C . -4.42 -6.46 -1.85
C18 CYE C . -4.95 -7.83 -1.65
C26 CYE C . -6.72 -5.34 0.68
N10 CYE C . -5.65 -5.69 1.45
C27 CYE C . -5.59 -6.98 2.18
C32 CYE C . -0.57 -4.32 3.15
N12 CYE C . 0.58 -3.70 3.51
C33 CYE C . 1.69 -4.46 4.13
H55 CYE C . 8.06 0.28 6.14
H56 CYE C . 9.05 1.52 6.55
H2 CYE C . 7.68 3.14 5.47
H3 CYE C . 8.06 1.83 4.35
H4 CYE C . 5.47 2.37 5.81
H5 CYE C . 5.83 0.76 5.17
H43 CYE C . 6.04 1.65 2.89
H44 CYE C . 5.83 3.30 3.47
H42 CYE C . 4.22 -0.01 3.21
H40 CYE C . 0.37 0.05 3.06
H35 CYE C . -1.23 -1.27 2.22
H34 CYE C . -3.19 -2.85 1.63
H29 CYE C . -4.84 -2.73 0.29
H28 CYE C . -6.91 -2.52 -1.13
H45 CYE C . -8.33 -2.21 -2.76
H46 CYE C . -9.96 -2.64 -2.25
H26 CYE C . -9.49 -4.96 -3.31
H27 CYE C . -9.93 -3.60 -4.32
H24 CYE C . -8.08 -5.08 -5.18
H25 CYE C . -7.79 -3.34 -5.21
H23 CYE C . -5.97 -3.66 -3.78
H17 CYE C . -4.12 -3.32 -2.78
H16 CYE C . -1.84 -3.04 -1.59
H11 CYE C . -0.50 -1.35 -0.92
H10 CYE C . 1.13 0.50 -0.20
H51 CYE C . 0.96 4.79 1.05
H52 CYE C . 1.27 7.95 1.29
H53 CYE C . 0.51 6.57 2.07
H49 CYE C . 3.20 7.62 3.04
H50 CYE C . 1.71 8.42 3.50
H47 CYE C . 2.66 6.75 5.16
H48 CYE C . 0.95 6.64 4.78
H1 CYE C . 1.33 4.44 4.08
H41 CYE C . 0.83 2.53 3.67
H6 CYE C . 4.78 4.59 0.19
H7 CYE C . 5.70 1.43 -1.26
H8 CYE C . 6.39 2.85 -0.44
H9 CYE C . 6.05 1.37 0.48
H12 CYE C . 3.23 -2.65 0.74
H13 CYE C . 2.12 -5.69 -0.51
H14 CYE C . 3.08 -4.99 0.83
H15 CYE C . 1.44 -5.59 1.14
H18 CYE C . -2.63 -6.77 -0.76
H19 CYE C . -5.93 -7.76 -1.19
H20 CYE C . -5.03 -8.33 -2.61
H22 CYE C . -4.29 -8.40 -0.99
H30 CYE C . -7.57 -5.99 0.56
H21 CYE C . 7.57 1.39 7.24
H31 CYE C . -5.44 -6.78 3.24
H32 CYE C . -6.52 -7.53 2.04
H33 CYE C . -4.77 -7.57 1.80
H36 CYE C . -0.72 -5.38 3.28
H37 CYE C . 1.95 -4.00 5.08
H38 CYE C . 1.39 -5.50 4.29
H39 CYE C . 2.55 -4.43 3.47
N16 CYE C . 6.51 3.37 5.45
C2 CYE C . 5.94 4.20 4.35
C3 CYE C . 4.72 3.55 3.68
C39 CYE C . 3.70 3.11 4.73
N14 CYE C . 2.36 2.83 4.20
C38 CYE C . 2.01 1.57 3.82
C36 CYE C . 0.66 1.51 3.61
N13 CYE C . -0.12 0.41 3.28
C35 CYE C . 0.22 -0.84 3.50
O7 CYE C . 1.27 -1.14 4.07
C34 CYE C . -0.77 -1.85 3.03
C31 CYE C . -1.97 -1.74 2.28
C30 CYE C . -2.53 -3.02 2.13
N11 CYE C . -3.71 -3.30 1.48
C29 CYE C . -4.26 -4.50 1.34
O6 CYE C . -3.72 -5.53 1.75
C28 CYE C . -5.57 -4.48 0.65
C25 CYE C . -6.26 -3.44 -0.03
C24 CYE C . -7.46 -3.94 -0.52
N9 CYE C . -8.35 -3.20 -1.28
C23 CYE C . -9.49 -3.62 -1.77
O5 CYE C . -10.07 -4.63 -1.35
C41 CYE C . -10.13 -2.84 -2.91
C21 CYE C . -10.26 -3.69 -4.18
C20 CYE C . -9.02 -3.74 -5.09
N8 CYE C . -7.75 -3.90 -4.37
C22 CYE C . -7.26 -5.06 -3.96
O4 CYE C . -7.90 -6.10 -4.09
C19 CYE C . -5.93 -4.93 -3.33
C16 CYE C . -5.09 -3.80 -3.07
C15 CYE C . -3.94 -4.24 -2.41
N6 CYE C . -2.91 -3.43 -1.97
C14 CYE C . -1.77 -3.86 -1.43
O3 CYE C . -1.49 -5.05 -1.38
C13 CYE C . -0.87 -2.78 -0.90
C10 CYE C . -0.99 -1.37 -0.88
C9 CYE C . 0.16 -0.85 -0.25
N4 CYE C . 0.42 0.49 -0.06
C8 CYE C . 1.62 1.04 0.16
O2 CYE C . 2.64 0.36 0.18
C7 CYE C . 1.59 2.52 0.34
N2 CYE C . 0.51 3.31 0.60
C4 CYE C . 1.01 4.57 0.81
N15 CYE C . 0.16 5.55 1.24
C44 CYE C . 0.49 6.79 1.55
O8 CYE C . 1.57 7.29 1.24
C45 CYE C . -0.52 7.60 2.33
C43 CYE C . 0.03 8.04 3.69
C42 CYE C . -0.15 7.04 4.85
N1 CYE C . 0.14 5.64 4.47
C1 CYE C . 1.34 5.10 4.42
O1 CYE C . 2.37 5.77 4.55
C40 CYE C . 1.25 3.64 4.15
C37 CYE C . 0.16 2.81 3.81
C5 CYE C . 2.36 4.58 0.65
N3 CYE C . 2.74 3.30 0.33
C6 CYE C . 4.14 2.92 0.06
C11 CYE C . 0.93 -1.93 0.11
N5 CYE C . 0.32 -3.08 -0.27
C12 CYE C . 0.94 -4.40 0.01
C17 CYE C . -4.09 -5.61 -2.27
N7 CYE C . -5.27 -6.03 -2.81
C18 CYE C . -5.67 -7.44 -2.80
C26 CYE C . -7.53 -5.26 -0.14
N10 CYE C . -6.40 -5.59 0.56
C27 CYE C . -6.18 -6.94 1.10
C32 CYE C . -1.65 -3.88 2.75
N12 CYE C . -0.60 -3.19 3.29
C33 CYE C . 0.47 -3.89 4.02
H55 CYE C . 5.84 3.26 6.21
H56 CYE C . 6.77 2.45 5.11
H2 CYE C . 5.64 5.16 4.76
H3 CYE C . 6.70 4.36 3.59
H4 CYE C . 5.03 2.68 3.11
H5 CYE C . 4.27 4.28 3.01
H43 CYE C . 3.59 3.87 5.49
H44 CYE C . 4.04 2.20 5.23
H42 CYE C . 2.72 0.78 3.79
H40 CYE C . -1.05 0.56 2.94
H35 CYE C . -2.44 -0.85 1.87
H34 CYE C . -4.27 -2.53 1.15
H29 CYE C . -5.95 -2.42 -0.20
H28 CYE C . -8.05 -2.27 -1.58
H45 CYE C . -9.57 -1.93 -3.12
H46 CYE C . -11.13 -2.57 -2.60
H26 CYE C . -10.53 -4.71 -3.91
H27 CYE C . -11.07 -3.28 -4.78
H24 CYE C . -9.16 -4.55 -5.80
H25 CYE C . -8.97 -2.81 -5.67
H23 CYE C . -7.12 -3.12 -4.29
H17 CYE C . -5.26 -2.76 -3.30
H16 CYE C . -3.01 -2.44 -2.08
H11 CYE C . -1.76 -0.73 -1.25
H10 CYE C . -0.34 1.15 -0.21
H51 CYE C . -0.81 5.33 1.39
H52 CYE C . -0.72 8.49 1.75
H53 CYE C . -1.45 7.06 2.45
H49 CYE C . 1.09 8.28 3.61
H50 CYE C . -0.48 8.97 3.99
H47 CYE C . 0.49 7.34 5.68
H48 CYE C . -1.19 7.11 5.19
H1 CYE C . -0.60 4.96 4.45
H41 CYE C . -0.88 3.04 3.73
H6 CYE C . 3.05 5.39 0.75
H7 CYE C . 4.20 2.46 -0.93
H8 CYE C . 4.79 3.80 0.09
H9 CYE C . 4.48 2.20 0.81
H12 CYE C . 1.88 -1.93 0.63
H13 CYE C . 1.87 -4.28 0.56
H14 CYE C . 0.25 -5.00 0.63
H15 CYE C . 1.12 -4.92 -0.92
H18 CYE C . -3.42 -6.31 -1.80
H19 CYE C . -6.64 -7.52 -2.31
H20 CYE C . -5.75 -7.80 -3.83
H22 CYE C . -4.94 -8.03 -2.26
H30 CYE C . -8.30 -5.98 -0.34
H21 CYE C . 7.34 3.81 5.84
H31 CYE C . -7.05 -7.57 0.90
H32 CYE C . -5.31 -7.39 0.61
H33 CYE C . -6.01 -6.89 2.17
H36 CYE C . -1.73 -4.95 2.85
H37 CYE C . 0.53 -3.49 5.03
H38 CYE C . 0.28 -4.95 4.07
H39 CYE C . 1.42 -3.71 3.52
N16 CYE C . 7.43 2.56 6.43
C2 CYE C . 7.61 1.11 6.20
C3 CYE C . 6.27 0.40 5.93
C39 CYE C . 5.81 0.54 4.47
N14 CYE C . 4.34 0.65 4.43
C38 CYE C . 3.55 -0.43 4.37
C36 CYE C . 2.22 -0.07 4.36
N13 CYE C . 1.11 -0.87 4.32
C35 CYE C . 1.09 -2.19 4.54
O7 CYE C . 2.11 -2.82 4.82
C34 CYE C . -0.25 -2.81 4.44
C31 CYE C . -1.48 -2.37 3.88
C30 CYE C . -2.43 -3.38 4.04
N11 CYE C . -3.74 -3.30 3.63
C29 CYE C . -4.70 -4.18 3.90
O6 CYE C . -4.51 -5.19 4.58
C28 CYE C . -6.00 -3.81 3.29
C25 CYE C . -6.35 -2.82 2.35
C24 CYE C . -7.70 -2.89 2.09
N9 CYE C . -8.34 -2.08 1.16
C23 CYE C . -9.62 -2.15 0.82
O5 CYE C . -10.48 -2.72 1.51
C41 CYE C . -10.04 -1.51 -0.49
C21 CYE C . -10.61 -2.54 -1.48
C20 CYE C . -9.59 -3.31 -2.34
N8 CYE C . -8.38 -3.71 -1.61
C22 CYE C . -8.26 -4.82 -0.89
O4 CYE C . -9.23 -5.55 -0.70
C19 CYE C . -6.90 -5.02 -0.35
C16 CYE C . -5.70 -4.26 -0.49
C15 CYE C . -4.69 -4.90 0.25
N6 CYE C . -3.38 -4.48 0.36
C14 CYE C . -2.38 -5.21 0.83
O3 CYE C . -2.53 -6.41 1.11
C13 CYE C . -1.09 -4.49 1.02
C10 CYE C . -0.68 -3.16 0.74
C9 CYE C . 0.67 -3.02 1.14
N4 CYE C . 1.40 -1.86 1.03
C8 CYE C . 2.74 -1.76 1.07
O2 CYE C . 3.44 -2.76 1.21
C7 CYE C . 3.27 -0.38 0.91
N2 CYE C . 2.60 0.80 1.03
C4 CYE C . 3.56 1.79 0.94
N15 CYE C . 3.20 3.09 1.13
C44 CYE C . 4.04 4.10 1.31
O8 CYE C . 5.25 3.99 1.18
C45 CYE C . 3.45 5.43 1.72
C43 CYE C . 4.10 6.00 2.99
C42 CYE C . 3.50 5.53 4.32
N1 CYE C . 3.24 4.08 4.34
C1 CYE C . 4.13 3.14 4.56
O1 CYE C . 5.32 3.42 4.79
C40 CYE C . 3.55 1.78 4.49
C37 CYE C . 2.21 1.32 4.43
C5 CYE C . 4.78 1.22 0.71
N3 CYE C . 4.62 -0.13 0.69
C6 CYE C . 5.74 -1.07 0.47
C11 CYE C . 1.05 -4.24 1.65
N5 CYE C . 0.02 -5.13 1.58
C12 CYE C . 0.17 -6.51 2.05
C17 CYE C . -5.29 -5.99 0.83
N7 CYE C . -6.60 -6.07 0.48
C18 CYE C . -7.47 -7.16 0.95
C26 CYE C . -8.20 -3.92 2.85
N10 CYE C . -7.19 -4.50 3.56
C27 CYE C . -7.40 -5.64 4.45
C32 CYE C . -1.78 -4.43 4.65
N12 CYE C . -0.48 -4.10 4.88
C33 CYE C . 0.45 -5.05 5.52
H55 CYE C . 6.78 2.96 5.74
H56 CYE C . 7.02 2.72 7.35
H2 CYE C . 8.27 0.95 5.35
H3 CYE C . 8.07 0.67 7.09
H4 CYE C . 5.52 0.81 6.59
H5 CYE C . 6.38 -0.66 6.15
H43 CYE C . 6.11 -0.34 3.90
H44 CYE C . 6.25 1.40 3.97
H42 CYE C . 3.97 -1.42 4.34
H40 CYE C . 0.20 -0.45 4.19
H35 CYE C . -1.70 -1.43 3.40
H34 CYE C . -4.04 -2.49 3.11
H29 CYE C . -5.70 -2.11 1.87
H28 CYE C . -7.77 -1.45 0.61
H45 CYE C . -9.21 -0.97 -0.94
H46 CYE C . -10.83 -0.80 -0.27
H26 CYE C . -11.22 -3.27 -0.93
H27 CYE C . -11.28 -2.03 -2.16
H24 CYE C . -10.09 -4.19 -2.74
H25 CYE C . -9.31 -2.68 -3.18
H23 CYE C . -7.52 -3.20 -1.76
H17 CYE C . -5.51 -3.35 -1.04
H16 CYE C . -3.14 -3.57 -0.01
H11 CYE C . -1.24 -2.35 0.30
H10 CYE C . 0.91 -1.01 0.77
H51 CYE C . 2.23 3.33 1.16
H52 CYE C . 3.64 6.12 0.90
H53 CYE C . 2.38 5.36 1.86
H49 CYE C . 5.17 5.79 2.99
H50 CYE C . 4.00 7.09 2.96
H47 CYE C . 4.18 5.79 5.13
H48 CYE C . 2.57 6.07 4.49
H1 CYE C . 2.29 3.73 4.28
H41 CYE C . 1.29 1.89 4.44
H6 CYE C . 5.74 1.70 0.59
H7 CYE C . 5.91 -1.65 1.37
H8 CYE C . 5.49 -1.74 -0.35
H9 CYE C . 6.65 -0.52 0.21
H12 CYE C . 2.00 -4.51 2.06
H13 CYE C . 0.01 -7.20 1.23
H14 CYE C . 1.17 -6.67 2.45
H15 CYE C . -0.56 -6.70 2.84
H18 CYE C . -4.86 -6.73 1.49
H19 CYE C . -7.88 -7.69 0.09
H20 CYE C . -6.90 -7.85 1.57
H22 CYE C . -8.29 -6.73 1.54
H30 CYE C . -9.21 -4.28 2.91
H21 CYE C . 8.30 3.06 6.38
H31 CYE C . -8.46 -5.89 4.52
H32 CYE C . -6.86 -6.51 4.08
H33 CYE C . -7.04 -5.40 5.45
H36 CYE C . -2.17 -5.39 4.92
H37 CYE C . 1.23 -5.33 4.81
H38 CYE C . 0.90 -4.58 6.39
H39 CYE C . -0.08 -5.95 5.84
N16 CYE C . 5.37 -1.91 6.91
C2 CYE C . 4.74 -0.67 7.44
C3 CYE C . 3.23 -0.62 7.17
C39 CYE C . 2.86 -0.60 5.68
N14 CYE C . 1.42 -0.34 5.54
C38 CYE C . 0.53 -1.35 5.35
C36 CYE C . -0.74 -0.85 5.28
N13 CYE C . -1.91 -1.55 5.07
C35 CYE C . -2.12 -2.78 5.50
O7 CYE C . -1.31 -3.37 6.21
C34 CYE C . -3.41 -3.36 5.05
C31 CYE C . -4.39 -2.93 4.11
C30 CYE C . -5.41 -3.87 4.06
N11 CYE C . -6.54 -3.78 3.26
C29 CYE C . -7.51 -4.67 3.15
O6 CYE C . -7.50 -5.74 3.76
C28 CYE C . -8.60 -4.24 2.25
C25 CYE C . -8.70 -3.15 1.36
C24 CYE C . -9.95 -3.18 0.74
N9 CYE C . -10.34 -2.27 -0.22
C23 CYE C . -11.48 -2.29 -0.90
O5 CYE C . -12.46 -2.95 -0.54
C41 CYE C . -11.57 -1.47 -2.17
C21 CYE C . -11.84 -2.36 -3.39
C20 CYE C . -10.61 -3.01 -4.04
N8 CYE C . -9.66 -3.57 -3.09
C22 CYE C . -9.79 -4.74 -2.47
O4 CYE C . -10.81 -5.42 -2.61
C19 CYE C . -8.62 -5.07 -1.64
C16 CYE C . -7.42 -4.36 -1.37
C15 CYE C . -6.65 -5.12 -0.47
N6 CYE C . -5.43 -4.73 0.04
C14 CYE C . -4.66 -5.46 0.85
O3 CYE C . -4.95 -6.62 1.15
C13 CYE C . -3.44 -4.76 1.35
C10 CYE C . -2.93 -3.46 1.14
C9 CYE C . -1.73 -3.33 1.83
N4 CYE C . -0.94 -2.19 1.85
C8 CYE C . 0.37 -2.15 2.09
O2 CYE C . 1.01 -3.18 2.32
C7 CYE C . 0.97 -0.78 2.04
N2 CYE C . 0.30 0.41 2.11
C4 CYE C . 1.28 1.37 2.19
N15 CYE C . 0.92 2.67 2.42
C44 CYE C . 1.73 3.65 2.78
O8 CYE C . 2.95 3.56 2.71
C45 CYE C . 1.10 4.91 3.32
C43 CYE C . 1.60 5.27 4.72
C42 CYE C . 0.89 4.58 5.90
N1 CYE C . 0.57 3.17 5.67
C1 CYE C . 1.41 2.16 5.75
O1 CYE C . 2.62 2.34 5.93
C40 CYE C . 0.73 0.86 5.56
C37 CYE C . -0.64 0.53 5.38
C5 CYE C . 2.51 0.80 2.10
N3 CYE C . 2.33 -0.55 2.00
C6 CYE C . 3.44 -1.52 1.89
C11 CYE C . -1.51 -4.52 2.48
N5 CYE C . -2.52 -5.39 2.20
C12 CYE C . -2.57 -6.75 2.76
C17 CYE C . -7.38 -6.27 -0.23
N7 CYE C . -8.55 -6.25 -0.92
C18 CYE C . -9.51 -7.35 -0.84
C26 CYE C . -10.61 -4.29 1.23
N10 CYE C . -9.80 -4.94 2.12
C27 CYE C . -10.23 -6.17 2.82
C32 CYE C . -5.06 -4.87 4.95
N12 CYE C . -3.87 -4.58 5.53
C33 CYE C . -3.27 -5.47 6.54
H55 CYE C . 5.28 -1.95 5.91
H56 CYE C . 6.35 -1.92 7.14
H2 CYE C . 4.90 -0.62 8.51
H3 CYE C . 5.20 0.20 6.98
H4 CYE C . 2.84 0.29 7.64
H5 CYE C . 2.74 -1.47 7.65
H43 CYE C . 3.08 -1.57 5.22
H44 CYE C . 3.41 0.17 5.15
H42 CYE C . 0.86 -2.38 5.31
H40 CYE C . -2.69 -1.07 4.67
H35 CYE C . -4.39 -2.03 3.50
H34 CYE C . -6.68 -2.92 2.73
H29 CYE C . -7.98 -2.39 1.13
H28 CYE C . -9.67 -1.58 -0.53
H45 CYE C . -10.67 -0.88 -2.34
H46 CYE C . -12.42 -0.80 -2.06
H26 CYE C . -12.56 -3.14 -3.13
H27 CYE C . -12.32 -1.74 -4.16
H24 CYE C . -10.95 -3.77 -4.74
H25 CYE C . -10.10 -2.24 -4.63
H23 CYE C . -8.76 -3.12 -2.95
H17 CYE C . -7.10 -3.39 -1.72
H16 CYE C . -5.07 -3.83 -0.21
H11 CYE C . -3.34 -2.64 0.54
H10 CYE C . -1.35 -1.33 1.51
H51 CYE C . -0.06 2.92 2.39
H52 CYE C . 1.38 5.72 2.65
H53 CYE C . 0.01 4.85 3.32
H49 CYE C . 2.67 5.04 4.80
H50 CYE C . 1.51 6.34 4.86
H47 CYE C . 1.50 4.68 6.80
H48 CYE C . -0.04 5.13 6.10
H1 CYE C . -0.40 2.87 5.60
H41 CYE C . -1.50 1.17 5.33
H6 CYE C . 3.49 1.25 2.14
H7 CYE C . 3.48 -2.14 2.78
H8 CYE C . 3.29 -2.15 1.02
H9 CYE C . 4.39 -0.99 1.79
H12 CYE C . -0.69 -4.79 3.12
H13 CYE C . -1.71 -6.91 3.42
H14 CYE C . -3.47 -6.87 3.35
H15 CYE C . -2.54 -7.48 1.96
H18 CYE C . -7.13 -7.10 0.40
H19 CYE C . -10.47 -6.95 -0.51
H20 CYE C . -9.62 -7.80 -1.83
H22 CYE C . -9.17 -8.10 -0.13
H30 CYE C . -11.59 -4.64 0.99
H21 CYE C . 4.94 -2.73 7.31
H31 CYE C . -9.57 -6.98 2.56
H32 CYE C . -10.20 -6.00 3.90
H33 CYE C . -11.25 -6.43 2.53
H36 CYE C . -5.60 -5.77 5.19
H37 CYE C . -2.31 -5.84 6.17
H38 CYE C . -3.11 -4.91 7.47
H39 CYE C . -3.92 -6.32 6.75
N16 CYE C . 9.65 0.23 1.56
C2 CYE C . 8.94 -0.66 0.61
C3 CYE C . 7.44 -0.77 0.89
C39 CYE C . 6.68 0.57 0.81
N14 CYE C . 5.26 0.49 1.19
C38 CYE C . 4.52 -0.64 1.14
C36 CYE C . 3.26 -0.44 1.61
N13 CYE C . 2.23 -1.35 1.73
C35 CYE C . 2.40 -2.64 1.96
O7 CYE C . 3.52 -3.11 2.17
C34 CYE C . 1.15 -3.43 1.95
C31 CYE C . -0.17 -3.13 1.51
C30 CYE C . -0.96 -4.27 1.68
N11 CYE C . -2.29 -4.36 1.35
C29 CYE C . -3.02 -5.47 1.30
O6 CYE C . -2.52 -6.58 1.47
C28 CYE C . -4.46 -5.23 1.02
C25 CYE C . -5.14 -4.07 0.59
C24 CYE C . -6.51 -4.36 0.50
N9 CYE C . -7.45 -3.45 0.08
C23 CYE C . -8.76 -3.67 0.02
O5 CYE C . -9.31 -4.62 0.59
C41 CYE C . -9.61 -2.70 -0.78
C21 CYE C . -10.33 -3.40 -1.94
C20 CYE C . -9.53 -3.53 -3.25
N8 CYE C . -8.15 -3.99 -3.04
C22 CYE C . -7.78 -5.26 -2.92
O4 CYE C . -8.62 -6.17 -2.95
C19 CYE C . -6.33 -5.40 -2.72
C16 CYE C . -5.27 -4.44 -2.69
C15 CYE C . -4.07 -5.11 -2.40
N6 CYE C . -2.83 -4.51 -2.27
C14 CYE C . -1.69 -5.15 -2.00
O3 CYE C . -1.63 -6.37 -1.94
C13 CYE C . -0.51 -4.26 -1.80
C10 CYE C . -0.32 -2.86 -1.88
C9 CYE C . 1.03 -2.57 -1.63
N4 CYE C . 1.58 -1.31 -1.67
C8 CYE C . 2.87 -1.04 -1.89
O2 CYE C . 3.69 -1.93 -2.13
C7 CYE C . 3.22 0.41 -1.87
N2 CYE C . 2.47 1.43 -1.34
C4 CYE C . 3.26 2.56 -1.45
N15 CYE C . 2.85 3.72 -0.85
C44 CYE C . 3.55 4.83 -0.77
O8 CYE C . 4.55 5.05 -1.46
C45 CYE C . 3.09 5.86 0.23
C43 CYE C . 4.13 6.08 1.34
C42 CYE C . 4.04 5.12 2.53
N1 CYE C . 3.92 3.71 2.18
C1 CYE C . 4.89 2.91 1.75
O1 CYE C . 6.00 3.36 1.46
C40 CYE C . 4.43 1.51 1.64
C37 CYE C . 3.18 0.92 1.92
C5 CYE C . 4.45 2.24 -2.05
N3 CYE C . 4.42 0.91 -2.34
C6 CYE C . 5.55 0.21 -2.99
C11 CYE C . 1.64 -3.77 -1.37
N5 CYE C . 0.74 -4.78 -1.45
C12 CYE C . 1.12 -6.18 -1.18
C17 CYE C . -4.41 -6.45 -2.29
N7 CYE C . -5.75 -6.62 -2.47
C18 CYE C . -6.38 -7.95 -2.38
C26 CYE C . -6.64 -5.68 0.85
N10 CYE C . -5.43 -6.21 1.15
C27 CYE C . -5.26 -7.61 1.57
C32 CYE C . -0.14 -5.24 2.23
N12 CYE C . 1.12 -4.75 2.37
C33 CYE C . 2.21 -5.57 2.95
H55 CYE C . 10.65 0.14 1.45
H56 CYE C . 9.40 1.20 1.40
H2 CYE C . 9.09 -0.30 -0.41
H3 CYE C . 9.38 -1.66 0.68
H4 CYE C . 7.30 -1.20 1.88
H5 CYE C . 7.03 -1.46 0.15
H43 CYE C . 6.73 0.97 -0.20
H44 CYE C . 7.16 1.27 1.48
H42 CYE C . 4.94 -1.58 0.79
H40 CYE C . 1.28 -1.01 1.75
H35 CYE C . -0.56 -2.21 1.12
H34 CYE C . -2.80 -3.50 1.16
H29 CYE C . -4.75 -3.10 0.33
H28 CYE C . -7.14 -2.55 -0.26
H45 CYE C . -9.02 -1.87 -1.15
H46 CYE C . -10.37 -2.32 -0.12
H26 CYE C . -10.66 -4.39 -1.62
H27 CYE C . -11.23 -2.83 -2.17
H24 CYE C . -10.07 -4.21 -3.91
H25 CYE C . -9.52 -2.56 -3.74
H23 CYE C . -7.39 -3.33 -3.12
H17 CYE C . -5.31 -3.37 -2.82
H16 CYE C . -2.78 -3.51 -2.38
H11 CYE C . -1.03 -2.08 -2.12
H10 CYE C . 0.96 -0.51 -1.65
H51 CYE C . 1.97 3.73 -0.36
H52 CYE C . 2.97 6.80 -0.30
H53 CYE C . 2.14 5.57 0.67
H49 CYE C . 5.13 6.03 0.91
H50 CYE C . 4.00 7.10 1.72
H47 CYE C . 4.93 5.28 3.15
H48 CYE C . 3.18 5.43 3.15
H1 CYE C . 3.11 3.18 2.47
H41 CYE C . 2.27 1.36 2.29
H6 CYE C . 5.29 2.87 -2.26
H7 CYE C . 5.17 -0.36 -3.84
H8 CYE C . 6.29 0.92 -3.34
H9 CYE C . 6.01 -0.47 -2.27
H12 CYE C . 2.67 -3.95 -1.11
H13 CYE C . 0.49 -6.58 -0.38
H14 CYE C . 0.99 -6.78 -2.08
H15 CYE C . 2.17 -6.23 -0.86
H18 CYE C . -3.78 -7.28 -2.07
H19 CYE C . -6.89 -8.15 -3.32
H20 CYE C . -5.63 -8.71 -2.21
H22 CYE C . -7.09 -7.94 -1.57
H30 CYE C . -7.54 -6.28 0.88
H21 CYE C . 9.41 -0.01 2.52
H31 CYE C . -4.64 -8.14 0.84
H32 CYE C . -4.77 -7.65 2.55
H33 CYE C . -6.22 -8.11 1.64
H36 CYE C . -0.39 -6.24 2.51
H37 CYE C . 2.60 -5.06 3.83
H38 CYE C . 1.82 -6.55 3.24
H39 CYE C . 2.99 -5.69 2.21
N16 CYE C . 7.11 3.96 6.37
C2 CYE C . 7.16 2.81 5.46
C3 CYE C . 5.75 2.30 5.10
C39 CYE C . 5.05 3.15 4.02
N14 CYE C . 3.65 2.75 3.91
C38 CYE C . 3.33 1.53 3.40
C36 CYE C . 1.98 1.32 3.44
N13 CYE C . 1.26 0.21 3.02
C35 CYE C . 1.77 -1.00 2.88
O7 CYE C . 2.94 -1.26 3.16
C34 CYE C . 0.80 -1.99 2.35
C31 CYE C . -0.47 -1.85 1.74
C30 CYE C . -0.93 -3.13 1.39
N11 CYE C . -2.14 -3.38 0.78
C29 CYE C . -2.64 -4.58 0.52
O6 CYE C . -2.08 -5.63 0.82
C28 CYE C . -3.96 -4.51 -0.17
C25 CYE C . -4.67 -3.41 -0.72
C24 CYE C . -5.88 -3.87 -1.24
N9 CYE C . -6.78 -3.07 -1.89
C23 CYE C . -7.95 -3.46 -2.38
O5 CYE C . -8.52 -4.49 -2.02
C41 CYE C . -8.60 -2.59 -3.44
C21 CYE C . -8.69 -3.35 -4.78
C20 CYE C . -7.45 -3.26 -5.68
N8 CYE C . -6.18 -3.46 -5.00
C22 CYE C . -5.57 -4.63 -4.86
O4 CYE C . -6.13 -5.68 -5.18
C19 CYE C . -4.20 -4.49 -4.32
C16 CYE C . -3.53 -3.41 -3.70
C15 CYE C . -2.25 -3.84 -3.34
N6 CYE C . -1.31 -3.05 -2.71
C14 CYE C . -0.21 -3.50 -2.10
O3 CYE C . 0.05 -4.71 -2.03
C13 CYE C . 0.67 -2.45 -1.52
C10 CYE C . 0.49 -1.05 -1.32
C9 CYE C . 1.62 -0.54 -0.67
N4 CYE C . 1.80 0.78 -0.33
C8 CYE C . 2.97 1.38 -0.10
O2 CYE C . 4.04 0.77 -0.21
C7 CYE C . 2.87 2.83 0.26
N2 CYE C . 1.75 3.50 0.67
C4 CYE C . 2.18 4.76 1.01
N15 CYE C . 1.30 5.62 1.60
C44 CYE C . 1.60 6.79 2.13
O8 CYE C . 2.69 7.34 1.98
C45 CYE C . 0.53 7.44 2.97
C43 CYE C . 1.00 7.72 4.40
C42 CYE C . 0.83 6.56 5.40
N1 CYE C . 1.23 5.25 4.86
C1 CYE C . 2.46 4.77 4.79
O1 CYE C . 3.43 5.46 5.13
C40 CYE C . 2.48 3.40 4.26
C37 CYE C . 1.42 2.49 3.96
C5 CYE C . 3.52 4.87 0.76
N3 CYE C . 3.97 3.68 0.27
C6 CYE C . 5.36 3.43 -0.13
C11 CYE C . 2.47 -1.60 -0.48
N5 CYE C . 1.92 -2.74 -0.99
C12 CYE C . 2.63 -4.03 -0.96
C17 CYE C . -2.15 -5.15 -3.77
N7 CYE C . -3.31 -5.55 -4.35
C18 CYE C . -3.47 -6.88 -4.94
C26 CYE C . -5.90 -5.24 -1.02
N10 CYE C . -4.76 -5.63 -0.40
C27 CYE C . -4.49 -7.04 -0.04
C32 CYE C . 0.05 -4.00 1.77
N12 CYE C . 1.10 -3.34 2.34
C33 CYE C . 2.29 -4.05 2.83
H55 CYE C . 6.59 4.72 5.98
H56 CYE C . 6.67 3.68 7.26
H2 CYE C . 7.69 3.06 4.54
H3 CYE C . 7.70 2.00 5.95
H4 CYE C . 5.14 2.28 6.00
H5 CYE C . 5.85 1.28 4.73
H43 CYE C . 5.54 2.98 3.06
H44 CYE C . 5.13 4.20 4.26
H42 CYE C . 4.09 0.85 3.06
H40 CYE C . 0.27 0.30 2.90
H35 CYE C . -1.03 -0.95 1.55
H34 CYE C . -2.73 -2.61 0.51
H29 CYE C . -4.38 -2.39 -0.78
H28 CYE C . -6.50 -2.12 -2.11
H45 CYE C . -8.06 -1.65 -3.58
H46 CYE C . -9.61 -2.37 -3.12
H26 CYE C . -8.92 -4.40 -4.59
H27 CYE C . -9.53 -2.93 -5.34
H24 CYE C . -7.58 -4.02 -6.46
H25 CYE C . -7.45 -2.28 -6.18
H23 CYE C . -5.58 -2.67 -4.81
H17 CYE C . -3.88 -2.42 -3.49
H16 CYE C . -1.44 -2.05 -2.70
H11 CYE C . -0.35 -0.42 -1.58
H10 CYE C . 1.01 1.41 -0.39
H51 CYE C . 0.33 5.34 1.69
H52 CYE C . 0.30 8.40 2.50
H53 CYE C . -0.39 6.85 2.98
H49 CYE C . 2.05 8.02 4.39
H50 CYE C . 0.44 8.56 4.79
H47 CYE C . 1.42 6.79 6.28
H48 CYE C . -0.22 6.53 5.70
H1 CYE C . 0.53 4.54 4.67
H41 CYE C . 0.35 2.60 4.08
H6 CYE C . 4.17 5.73 0.92
H7 CYE C . 5.94 4.36 -0.07
H8 CYE C . 5.80 2.69 0.54
H9 CYE C . 5.39 3.06 -1.15
H12 CYE C . 3.45 -1.61 -0.02
H13 CYE C . 2.74 -4.41 -1.97
H14 CYE C . 3.62 -3.90 -0.51
H15 CYE C . 2.07 -4.75 -0.36
H18 CYE C . -1.31 -5.81 -3.69
H19 CYE C . -3.76 -6.77 -5.98
H20 CYE C . -2.53 -7.43 -4.89
H22 CYE C . -4.24 -7.42 -4.40
H30 CYE C . -6.67 -5.94 -1.29
H21 CYE C . 8.04 4.29 6.59
H31 CYE C . -4.30 -7.11 1.03
H32 CYE C . -5.34 -7.65 -0.30
H33 CYE C . -3.62 -7.39 -0.59
H36 CYE C . 0.08 -5.07 1.66
H37 CYE C . 2.49 -3.75 3.85
H38 CYE C . 2.13 -5.12 2.79
H39 CYE C . 3.14 -3.79 2.20
N16 CYE C . 10.07 -1.19 4.63
C2 CYE C . 9.09 -1.37 3.54
C3 CYE C . 8.91 -0.11 2.68
C39 CYE C . 8.10 1.03 3.33
N14 CYE C . 6.63 0.88 3.36
C38 CYE C . 5.97 -0.27 3.02
C36 CYE C . 4.62 -0.10 3.11
N13 CYE C . 3.61 -0.99 2.83
C35 CYE C . 3.75 -2.30 2.68
O7 CYE C . 4.83 -2.87 2.86
C34 CYE C . 2.49 -3.00 2.31
C31 CYE C . 1.23 -2.52 1.88
C30 CYE C . 0.38 -3.61 1.69
N11 CYE C . -0.94 -3.52 1.32
C29 CYE C . -1.85 -4.49 1.39
O6 CYE C . -1.60 -5.59 1.85
C28 CYE C . -3.17 -4.07 0.86
C25 CYE C . -3.55 -2.92 0.13
C24 CYE C . -4.91 -3.01 -0.19
N9 CYE C . -5.59 -2.08 -0.94
C23 CYE C . -6.82 -2.18 -1.41
O5 CYE C . -7.62 -3.02 -0.99
C41 CYE C . -7.25 -1.23 -2.50
C21 CYE C . -7.70 -1.98 -3.77
C20 CYE C . -6.57 -2.35 -4.75
N8 CYE C . -5.35 -2.82 -4.10
C22 CYE C . -5.16 -4.06 -3.66
O4 CYE C . -6.05 -4.91 -3.71
C19 CYE C . -3.79 -4.25 -3.10
C16 CYE C . -2.69 -3.37 -2.94
C15 CYE C . -1.65 -4.08 -2.35
N6 CYE C . -0.40 -3.57 -2.08
C14 CYE C . 0.68 -4.29 -1.77
O3 CYE C . 0.67 -5.53 -1.79
C13 CYE C . 1.88 -3.49 -1.41
C10 CYE C . 2.08 -2.09 -1.28
C9 CYE C . 3.39 -1.87 -0.85
N4 CYE C . 3.94 -0.63 -0.61
C8 CYE C . 5.24 -0.33 -0.52
O2 CYE C . 6.11 -1.19 -0.67
C7 CYE C . 5.51 1.12 -0.24
N2 CYE C . 4.61 2.03 0.22
C4 CYE C . 5.33 3.18 0.42
N15 CYE C . 4.71 4.23 1.02
C44 CYE C . 5.29 5.34 1.43
O8 CYE C . 6.43 5.67 1.10
C45 CYE C . 4.50 6.23 2.36
C43 CYE C . 5.19 6.40 3.72
C42 CYE C . 4.90 5.33 4.77
N1 CYE C . 4.95 3.95 4.26
C1 CYE C . 6.04 3.22 4.04
O1 CYE C . 7.17 3.71 4.11
C40 CYE C . 5.68 1.84 3.67
C37 CYE C . 4.41 1.21 3.54
C5 CYE C . 6.64 2.98 0.05
N3 CYE C . 6.76 1.71 -0.38
C6 CYE C . 8.02 1.13 -0.90
C11 CYE C . 3.98 -3.11 -0.73
N5 CYE C . 3.09 -4.08 -1.09
C12 CYE C . 3.46 -5.51 -1.07
C17 CYE C . -2.13 -5.36 -2.11
N7 CYE C . -3.41 -5.46 -2.55
C18 CYE C . -4.18 -6.70 -2.42
C26 CYE C . -5.34 -4.21 0.35
N10 CYE C . -4.32 -4.84 0.98
C27 CYE C . -4.48 -6.13 1.67
C32 CYE C . 1.13 -4.73 1.95
N12 CYE C . 2.39 -4.38 2.31
C33 CYE C . 3.41 -5.39 2.68
H55 CYE C . 9.73 -0.53 5.33
H56 CYE C . 10.23 -2.06 5.12
H2 CYE C . 9.43 -2.18 2.88
H3 CYE C . 8.13 -1.67 3.96
H4 CYE C . 8.43 -0.39 1.74
H5 CYE C . 9.90 0.27 2.43
H43 CYE C . 8.30 1.93 2.75
H44 CYE C . 8.44 1.21 4.35
H42 CYE C . 6.49 -1.16 2.72
H40 CYE C . 2.67 -0.66 2.75
H35 CYE C . 0.91 -1.50 1.71
H34 CYE C . -1.32 -2.62 1.06
H29 CYE C . -2.93 -2.09 -0.19
H28 CYE C . -5.07 -1.26 -1.25
H45 CYE C . -6.47 -0.53 -2.77
H46 CYE C . -8.11 -0.67 -2.14
H26 CYE C . -8.24 -2.89 -3.48
H27 CYE C . -8.41 -1.34 -4.31
H24 CYE C . -6.95 -3.12 -5.43
H25 CYE C . -6.34 -1.48 -5.35
H23 CYE C . -4.53 -2.23 -4.09
H17 CYE C . -2.60 -2.32 -3.21
H16 CYE C . -0.24 -2.58 -2.20
H11 CYE C . 1.38 -1.28 -1.45
H10 CYE C . 3.32 0.17 -0.60
H51 CYE C . 3.73 4.17 1.24
H52 CYE C . 4.44 7.21 1.89
H53 CYE C . 3.49 5.85 2.49
H49 CYE C . 6.27 6.46 3.57
H50 CYE C . 4.87 7.35 4.14
H47 CYE C . 5.60 5.44 5.59
H48 CYE C . 3.90 5.51 5.18
H1 CYE C . 4.12 3.36 4.27
H41 CYE C . 3.43 1.61 3.69
H6 CYE C . 7.46 3.68 0.10
H7 CYE C . 8.24 0.19 -0.41
H8 CYE C . 7.93 0.97 -1.97
H9 CYE C . 8.84 1.83 -0.71
H12 CYE C . 4.98 -3.35 -0.43
H13 CYE C . 2.83 -6.04 -0.36
H14 CYE C . 3.31 -5.93 -2.07
H15 CYE C . 4.50 -5.63 -0.79
H18 CYE C . -1.63 -6.19 -1.65
H19 CYE C . -4.50 -7.02 -3.41
H20 CYE C . -3.55 -7.48 -1.97
H22 CYE C . -5.04 -6.53 -1.79
H30 CYE C . -6.33 -4.64 0.30
H21 CYE C . 10.96 -0.86 4.28
H31 CYE C . -4.16 -6.04 2.71
H32 CYE C . -5.53 -6.45 1.65
H33 CYE C . -3.87 -6.88 1.17
H36 CYE C . 0.83 -5.77 1.89
H37 CYE C . 2.99 -6.39 2.61
H38 CYE C . 4.26 -5.30 2.00
H39 CYE C . 3.75 -5.21 3.69
N16 CYE C . 4.72 8.98 4.31
C2 CYE C . 5.10 7.95 3.33
C3 CYE C . 6.02 6.87 3.91
C39 CYE C . 5.35 5.96 4.97
N14 CYE C . 4.14 5.29 4.47
C38 CYE C . 4.25 4.19 3.67
C36 CYE C . 3.02 3.76 3.26
N13 CYE C . 2.69 2.69 2.45
C35 CYE C . 3.56 1.91 1.82
O7 CYE C . 4.77 2.12 1.83
C34 CYE C . 2.94 0.74 1.14
C31 CYE C . 1.62 0.46 0.69
C30 CYE C . 1.63 -0.81 0.09
N11 CYE C . 0.53 -1.44 -0.46
C29 CYE C . 0.45 -2.73 -0.74
O6 CYE C . 1.34 -3.53 -0.46
C28 CYE C . -0.81 -3.10 -1.43
C25 CYE C . -1.87 -2.31 -1.92
C24 CYE C . -2.84 -3.14 -2.48
N9 CYE C . -4.02 -2.66 -3.02
C23 CYE C . -4.90 -3.37 -3.70
O5 CYE C . -4.78 -4.58 -3.92
C41 CYE C . -6.13 -2.66 -4.21
C21 CYE C . -6.26 -2.73 -5.74
C20 CYE C . -5.44 -1.69 -6.52
N8 CYE C . -4.05 -1.57 -6.05
C22 CYE C . -3.10 -2.46 -6.28
O4 CYE C . -3.33 -3.49 -6.92
C19 CYE C . -1.84 -2.10 -5.61
C16 CYE C . -1.40 -0.89 -5.00
C15 CYE C . -0.10 -1.10 -4.52
N6 CYE C . 0.66 -0.14 -3.88
C14 CYE C . 1.96 -0.26 -3.58
O3 CYE C . 2.62 -1.24 -3.94
C13 CYE C . 2.52 0.88 -2.80
C10 CYE C . 1.94 2.05 -2.25
C9 CYE C . 2.93 2.77 -1.58
N4 CYE C . 2.74 3.97 -0.92
C8 CYE C . 3.67 4.87 -0.63
O2 CYE C . 4.85 4.68 -0.91
C7 CYE C . 3.15 6.12 0.02
N2 CYE C . 1.96 6.27 0.66
C4 CYE C . 1.98 7.54 1.17
N15 CYE C . 0.97 7.98 1.98
C44 CYE C . 1.11 8.88 2.94
O8 CYE C . 2.17 9.44 3.16
C45 CYE C . -0.11 9.18 3.79
C43 CYE C . 0.20 9.24 5.29
C42 CYE C . 0.23 7.89 6.03
N1 CYE C . 1.04 6.88 5.33
C1 CYE C . 2.34 6.74 5.40
O1 CYE C . 3.03 7.55 6.01
C40 CYE C . 2.81 5.59 4.61
C37 CYE C . 2.10 4.60 3.88
C5 CYE C . 3.13 8.18 0.79
N3 CYE C . 3.87 7.30 0.07
C6 CYE C . 5.20 7.61 -0.49
C11 CYE C . 4.10 2.04 -1.72
N5 CYE C . 3.87 0.92 -2.45
C12 CYE C . 4.95 -0.04 -2.75
C17 CYE C . 0.20 -2.41 -4.80
N7 CYE C . -0.82 -3.02 -5.45
C18 CYE C . -0.77 -4.42 -5.85
C26 CYE C . -2.38 -4.43 -2.33
N10 CYE C . -1.17 -4.43 -1.70
C27 CYE C . -0.45 -5.66 -1.36
C32 CYE C . 2.92 -1.27 0.15
N12 CYE C . 3.71 -0.35 0.78
C33 CYE C . 5.14 -0.61 1.02
H55 CYE C . 3.98 9.56 3.92
H56 CYE C . 4.31 8.55 5.14
H2 CYE C . 4.20 7.47 2.94
H3 CYE C . 5.62 8.43 2.48
H4 CYE C . 6.89 7.34 4.35
H5 CYE C . 6.35 6.23 3.09
H43 CYE C . 5.13 6.52 5.88
H44 CYE C . 6.06 5.19 5.25
H42 CYE C . 5.21 3.77 3.44
H40 CYE C . 1.73 2.45 2.32
H35 CYE C . 0.73 1.07 0.74
H34 CYE C . -0.31 -0.91 -0.59
H29 CYE C . -1.96 -1.24 -1.91
H28 CYE C . -4.22 -1.68 -2.93
H45 CYE C . -6.14 -1.62 -3.90
H46 CYE C . -6.99 -3.17 -3.78
H26 CYE C . -5.99 -3.74 -6.08
H27 CYE C . -7.31 -2.58 -6.00
H24 CYE C . -5.47 -1.96 -7.57
H25 CYE C . -5.93 -0.72 -6.40
H23 CYE C . -3.75 -0.74 -5.57
H17 CYE C . -1.91 0.06 -4.92
H16 CYE C . 0.23 0.74 -3.65
H11 CYE C . 0.92 2.40 -2.31
H10 CYE C . 1.78 4.28 -0.79
H51 CYE C . 0.05 7.60 1.87
H52 CYE C . -0.47 10.15 3.47
H53 CYE C . -0.89 8.44 3.60
H49 CYE C . 1.14 9.76 5.45
H50 CYE C . -0.57 9.85 5.77
H47 CYE C . 0.63 8.05 7.03
H48 CYE C . -0.79 7.54 6.14
H1 CYE C . 0.59 6.07 4.92
H41 CYE C . 1.02 4.48 3.75
H6 CYE C . 3.44 9.20 0.99
H7 CYE C . 5.97 7.08 0.06
H8 CYE C . 5.23 7.31 -1.54
H9 CYE C . 5.38 8.69 -0.43
H12 CYE C . 5.08 2.28 -1.32
H13 CYE C . 5.05 -0.12 -3.84
H14 CYE C . 5.89 0.31 -2.33
H15 CYE C . 4.71 -1.00 -2.33
H18 CYE C . 1.11 -2.95 -4.57
H19 CYE C . -1.66 -4.93 -5.46
H20 CYE C . -0.75 -4.49 -6.94
H22 CYE C . 0.12 -4.90 -5.44
H30 CYE C . -2.86 -5.35 -2.62
H21 CYE C . 5.50 9.57 4.58
H31 CYE C . 0.52 -5.66 -1.87
H32 CYE C . -0.29 -5.71 -0.29
H33 CYE C . -1.02 -6.53 -1.68
H36 CYE C . 3.32 -2.20 -0.21
H37 CYE C . 5.36 -0.48 2.08
H38 CYE C . 5.40 -1.63 0.73
H39 CYE C . 5.74 0.09 0.44
N16 CYE C . 6.38 10.51 2.66
C2 CYE C . 6.01 10.33 1.23
C3 CYE C . 4.71 9.53 1.04
C39 CYE C . 4.73 8.24 1.85
N14 CYE C . 3.62 7.32 1.58
C38 CYE C . 3.78 6.31 0.70
C36 CYE C . 2.74 5.43 0.81
N13 CYE C . 2.54 4.23 0.13
C35 CYE C . 3.50 3.53 -0.44
O7 CYE C . 4.68 3.86 -0.37
C34 CYE C . 3.03 2.30 -1.14
C31 CYE C . 1.73 1.80 -1.40
C30 CYE C . 1.87 0.58 -2.10
N11 CYE C . 0.81 -0.23 -2.48
C29 CYE C . 0.89 -1.43 -3.03
O6 CYE C . 1.98 -1.98 -3.25
C28 CYE C . -0.43 -2.04 -3.33
C25 CYE C . -1.74 -1.51 -3.27
C24 CYE C . -2.64 -2.48 -3.68
N9 CYE C . -4.00 -2.26 -3.80
C23 CYE C . -4.89 -3.13 -4.26
O5 CYE C . -4.69 -4.34 -4.30
C41 CYE C . -6.22 -2.57 -4.74
C21 CYE C . -6.42 -2.82 -6.24
C20 CYE C . -5.82 -1.76 -7.17
N8 CYE C . -4.47 -1.33 -6.82
C22 CYE C . -3.36 -2.01 -7.10
O4 CYE C . -3.40 -3.14 -7.58
C19 CYE C . -2.14 -1.25 -6.74
C16 CYE C . -1.96 0.01 -6.12
C15 CYE C . -0.58 0.24 -6.00
N6 CYE C . -0.02 1.37 -5.43
C14 CYE C . 1.28 1.67 -5.44
O3 CYE C . 2.10 0.98 -6.04
C13 CYE C . 1.62 2.90 -4.67
C10 CYE C . 0.84 3.78 -3.88
C9 CYE C . 1.69 4.76 -3.35
N4 CYE C . 1.27 5.80 -2.56
C8 CYE C . 1.92 6.95 -2.36
O2 CYE C . 3.00 7.20 -2.93
C7 CYE C . 1.23 7.90 -1.44
N2 CYE C . 0.23 7.59 -0.57
C4 CYE C . 0.00 8.75 0.15
N15 CYE C . -0.85 8.71 1.20
C44 CYE C . -1.04 9.66 2.08
O8 CYE C . -0.66 10.82 1.90
C45 CYE C . -1.72 9.29 3.38
C43 CYE C . -0.81 9.53 4.59
C42 CYE C . 0.15 8.39 4.95
N1 CYE C . 0.81 7.75 3.80
C1 CYE C . 1.92 8.17 3.20
O1 CYE C . 2.41 9.28 3.45
C40 CYE C . 2.42 7.18 2.23
C37 CYE C . 1.89 5.94 1.78
C5 CYE C . 0.82 9.75 -0.31
N3 CYE C . 1.58 9.23 -1.32
C6 CYE C . 2.56 10.03 -2.08
C11 CYE C . 2.96 4.47 -3.79
N5 CYE C . 2.93 3.36 -4.58
C12 CYE C . 4.16 2.82 -5.19
C17 CYE C . 0.04 -0.88 -6.50
N7 CYE C . -0.88 -1.78 -6.94
C18 CYE C . -0.50 -3.06 -7.53
C26 CYE C . -1.89 -3.60 -4.01
N10 CYE C . -0.56 -3.35 -3.80
C27 CYE C . 0.48 -4.36 -4.06
C32 CYE C . 3.21 0.40 -2.31
N12 CYE C . 3.91 1.42 -1.75
C33 CYE C . 5.38 1.48 -1.81
H55 CYE C . 7.22 11.07 2.74
H56 CYE C . 5.64 10.96 3.17
H2 CYE C . 5.89 11.31 0.76
H3 CYE C . 6.82 9.81 0.72
H4 CYE C . 4.61 9.28 -0.01
H5 CYE C . 3.86 10.14 1.34
H43 CYE C . 4.71 8.47 2.91
H44 CYE C . 5.66 7.69 1.66
H42 CYE C . 4.65 6.23 0.08
H40 CYE C . 1.64 3.81 0.15
H35 CYE C . 0.77 2.19 -1.12
H34 CYE C . -0.13 0.07 -2.27
H29 CYE C . -2.05 -0.53 -2.97
H28 CYE C . -4.34 -1.32 -3.64
H45 CYE C . -6.32 -1.51 -4.53
H46 CYE C . -7.01 -3.11 -4.22
H26 CYE C . -6.01 -3.80 -6.51
H27 CYE C . -7.49 -2.87 -6.44
H24 CYE C . -5.83 -2.16 -8.19
H25 CYE C . -6.48 -0.89 -7.17
H23 CYE C . -4.31 -0.39 -6.50
H17 CYE C . -2.70 0.73 -5.78
H16 CYE C . -0.62 2.06 -5.02
H11 CYE C . -0.21 3.77 -3.69
H10 CYE C . 0.33 5.78 -2.18
H51 CYE C . -1.34 7.84 1.41
H52 CYE C . -2.60 9.94 3.47
H53 CYE C . -2.06 8.25 3.36
H49 CYE C . -0.23 10.43 4.43
H50 CYE C . -1.45 9.71 5.46
H47 CYE C . 0.89 8.77 5.65
H48 CYE C . -0.43 7.63 5.49
H1 CYE C . 0.61 6.79 3.57
H41 CYE C . 0.98 5.43 2.08
H6 CYE C . 0.90 10.76 0.03
H7 CYE C . 3.54 9.55 -2.03
H8 CYE C . 2.25 10.09 -3.13
H9 CYE C . 2.63 11.04 -1.67
H12 CYE C . 3.88 4.99 -3.58
H13 CYE C . 5.02 3.42 -4.92
H14 CYE C . 4.31 1.79 -4.85
H15 CYE C . 4.06 2.82 -6.28
H18 CYE C . 1.09 -1.10 -6.56
H19 CYE C . -0.94 -3.16 -8.51
H20 CYE C . 0.59 -3.13 -7.61
H22 CYE C . -0.86 -3.87 -6.89
H30 CYE C . -2.24 -4.55 -4.38
H21 CYE C . 6.59 9.61 3.10
H31 CYE C . 1.15 -3.99 -4.84
H32 CYE C . 1.05 -4.53 -3.14
H33 CYE C . 0.03 -5.29 -4.38
H36 CYE C . 3.70 -0.40 -2.82
H37 CYE C . 5.79 1.47 -0.80
H38 CYE C . 5.76 0.61 -2.36
H39 CYE C . 5.69 2.39 -2.33
N16 CYE C . 4.82 2.79 5.71
C2 CYE C . 5.60 3.68 4.84
C3 CYE C . 4.98 3.88 3.44
C39 CYE C . 3.64 4.66 3.47
N14 CYE C . 2.41 3.94 3.83
C38 CYE C . 2.28 2.58 3.77
C36 CYE C . 1.00 2.21 4.10
N13 CYE C . 0.46 0.94 4.10
C35 CYE C . 1.15 -0.18 4.26
O7 CYE C . 2.35 -0.15 4.57
C34 CYE C . 0.36 -1.41 4.05
C31 CYE C . -0.96 -1.64 3.58
C30 CYE C . -1.19 -3.03 3.56
N11 CYE C . -2.38 -3.62 3.17
C29 CYE C . -2.68 -4.91 3.31
O6 CYE C . -1.92 -5.70 3.86
C28 CYE C . -3.99 -5.28 2.71
C25 CYE C . -4.92 -4.54 1.95
C24 CYE C . -6.00 -5.36 1.60
N9 CYE C . -7.04 -4.96 0.80
C23 CYE C . -8.06 -5.71 0.40
O5 CYE C . -8.35 -6.78 0.93
C41 CYE C . -8.90 -5.21 -0.76
C21 CYE C . -8.88 -6.19 -1.94
C20 CYE C . -7.72 -6.01 -2.94
N8 CYE C . -6.43 -5.79 -2.30
C22 CYE C . -5.66 -6.74 -1.78
O4 CYE C . -6.01 -7.92 -1.78
C19 CYE C . -4.40 -6.19 -1.22
C16 CYE C . -3.88 -4.87 -1.14
C15 CYE C . -2.64 -4.94 -0.49
N6 CYE C . -1.81 -3.86 -0.26
C14 CYE C . -0.56 -3.92 0.18
O3 CYE C . 0.01 -5.01 0.38
C13 CYE C . 0.11 -2.60 0.39
C10 CYE C . -0.36 -1.27 0.31
C9 CYE C . 0.70 -0.42 0.65
N4 CYE C . 0.63 0.96 0.66
C8 CYE C . 1.64 1.81 0.57
O2 CYE C . 2.81 1.41 0.49
C7 CYE C . 1.26 3.25 0.55
N2 CYE C . 0.07 3.77 0.97
C4 CYE C . 0.23 5.14 0.90
N15 CYE C . -0.75 5.94 1.42
C44 CYE C . -0.64 7.23 1.64
O8 CYE C . 0.26 7.93 1.17
C45 CYE C . -1.67 7.86 2.55
C43 CYE C . -1.03 8.46 3.81
C42 CYE C . -0.85 7.50 5.00
N1 CYE C . -0.30 6.19 4.64
C1 CYE C . 0.97 5.93 4.34
O1 CYE C . 1.79 6.83 4.19
C40 CYE C . 1.19 4.47 4.22
C37 CYE C . 0.30 3.38 4.36
C5 CYE C . 1.47 5.43 0.40
N3 CYE C . 2.11 4.27 0.16
C6 CYE C . 3.48 4.18 -0.38
C11 CYE C . 1.78 -1.22 0.94
N5 CYE C . 1.45 -2.53 0.78
C12 CYE C . 2.43 -3.60 1.00
C17 CYE C . -2.45 -6.26 -0.16
N7 CYE C . -3.50 -7.01 -0.58
C18 CYE C . -3.55 -8.46 -0.36
C26 CYE C . -5.73 -6.59 2.15
N10 CYE C . -4.54 -6.55 2.83
C27 CYE C . -4.01 -7.73 3.54
C32 CYE C . -0.01 -3.61 3.95
N12 CYE C . 0.91 -2.67 4.24
C33 CYE C . 2.28 -3.02 4.68
H55 CYE C . 4.92 1.82 5.46
H56 CYE C . 5.16 2.92 6.68
H2 CYE C . 5.69 4.67 5.30
H3 CYE C . 6.61 3.28 4.72
H4 CYE C . 4.87 2.94 2.93
H5 CYE C . 5.69 4.47 2.86
H43 CYE C . 3.47 5.08 2.48
H44 CYE C . 3.77 5.51 4.14
H42 CYE C . 3.07 1.94 3.46
H40 CYE C . -0.53 0.84 3.99
H35 CYE C . -1.71 -0.92 3.28
H34 CYE C . -3.12 -3.05 2.81
H29 CYE C . -4.86 -3.52 1.64
H28 CYE C . -7.02 -4.02 0.42
H45 CYE C . -8.59 -4.22 -1.09
H46 CYE C . -9.94 -5.15 -0.43
H26 CYE C . -8.87 -7.21 -1.57
H27 CYE C . -9.81 -6.07 -2.50
H24 CYE C . -7.69 -6.89 -3.58
H25 CYE C . -7.96 -5.16 -3.58
H23 CYE C . -6.01 -4.87 -2.32
H17 CYE C . -4.30 -3.94 -1.50
H16 CYE C . -2.14 -2.93 -0.52
H11 CYE C . -1.33 -0.90 0.05
H10 CYE C . -0.29 1.39 0.57
H51 CYE C . -1.60 5.53 1.73
H52 CYE C . -2.14 8.67 1.98
H53 CYE C . -2.44 7.14 2.82
H49 CYE C . -0.06 8.90 3.56
H50 CYE C . -1.66 9.28 4.15
H47 CYE C . -0.19 7.97 5.73
H48 CYE C . -1.82 7.37 5.48
H1 CYE C . -0.82 5.34 4.83
H41 CYE C . -0.75 3.36 4.61
H6 CYE C . 1.92 6.41 0.23
H7 CYE C . 3.81 5.15 -0.74
H8 CYE C . 4.17 3.86 0.41
H9 CYE C . 3.52 3.46 -1.19
H12 CYE C . 2.78 -0.92 1.23
H13 CYE C . 3.40 -3.19 1.27
H14 CYE C . 2.08 -4.26 1.80
H15 CYE C . 2.54 -4.18 0.08
H18 CYE C . -1.62 -6.71 0.36
H19 CYE C . -2.65 -8.79 0.16
H20 CYE C . -4.42 -8.71 0.24
H22 CYE C . -3.60 -8.97 -1.32
H30 CYE C . -6.32 -7.49 2.10
H21 CYE C . 3.84 3.04 5.72
H31 CYE C . -3.06 -8.02 3.09
H32 CYE C . -3.85 -7.47 4.59
H33 CYE C . -4.71 -8.56 3.48
H36 CYE C . 0.21 -4.66 4.04
H37 CYE C . 2.49 -2.53 5.63
H38 CYE C . 2.36 -4.09 4.80
H39 CYE C . 3.00 -2.68 3.92
N16 CYE C . 7.14 1.99 4.59
C2 CYE C . 6.39 1.67 3.36
C3 CYE C . 5.98 2.92 2.57
C39 CYE C . 4.88 3.80 3.18
N14 CYE C . 3.49 3.31 3.10
C38 CYE C . 3.16 2.06 2.64
C36 CYE C . 1.79 1.87 2.71
N13 CYE C . 1.07 0.76 2.37
C35 CYE C . 1.52 -0.48 2.49
O7 CYE C . 2.64 -0.72 2.95
C34 CYE C . 0.59 -1.53 2.02
C31 CYE C . -0.63 -1.47 1.28
C30 CYE C . -1.08 -2.78 1.08
N11 CYE C . -2.24 -3.13 0.41
C29 CYE C . -2.67 -4.36 0.18
O6 CYE C . -2.04 -5.36 0.54
C28 CYE C . -3.97 -4.42 -0.54
C25 CYE C . -4.75 -3.41 -1.14
C24 CYE C . -5.90 -3.99 -1.69
N9 CYE C . -6.87 -3.27 -2.36
C23 CYE C . -7.96 -3.78 -2.92
O5 CYE C . -8.35 -4.93 -2.71
C41 CYE C . -8.77 -2.90 -3.84
C21 CYE C . -8.86 -3.47 -5.26
C20 CYE C . -7.68 -3.18 -6.18
N8 CYE C . -6.37 -3.33 -5.53
C22 CYE C . -5.74 -4.48 -5.36
O4 CYE C . -6.25 -5.54 -5.70
C19 CYE C . -4.44 -4.30 -4.67
C16 CYE C . -3.75 -3.14 -4.24
C15 CYE C . -2.56 -3.54 -3.60
N6 CYE C . -1.61 -2.69 -3.07
C14 CYE C . -0.45 -3.06 -2.52
O3 CYE C . -0.10 -4.24 -2.50
C13 CYE C . 0.38 -1.96 -1.96
C10 CYE C . 0.17 -0.55 -1.86
C9 CYE C . 1.28 0.02 -1.25
N4 CYE C . 1.44 1.37 -0.99
C8 CYE C . 2.59 2.00 -0.83
O2 CYE C . 3.68 1.41 -0.95
C7 CYE C . 2.47 3.45 -0.51
N2 CYE C . 1.37 4.10 -0.04
C4 CYE C . 1.77 5.38 0.23
N15 CYE C . 0.91 6.24 0.85
C44 CYE C . 1.23 7.41 1.38
O8 CYE C . 2.30 7.98 1.17
C45 CYE C . 0.21 8.06 2.28
C43 CYE C . 0.78 8.30 3.70
C42 CYE C . 0.70 7.11 4.66
N1 CYE C . 1.09 5.81 4.08
C1 CYE C . 2.33 5.37 3.90
O1 CYE C . 3.31 6.09 4.10
C40 CYE C . 2.32 3.98 3.42
C37 CYE C . 1.26 3.08 3.17
C5 CYE C . 3.09 5.54 -0.13
N3 CYE C . 3.53 4.35 -0.61
C6 CYE C . 4.90 4.13 -1.13
C11 CYE C . 2.14 -1.01 -0.96
N5 CYE C . 1.61 -2.18 -1.38
C12 CYE C . 2.33 -3.46 -1.18
C17 CYE C . -2.57 -4.93 -3.66
N7 CYE C . -3.67 -5.37 -4.29
C18 CYE C . -3.93 -6.81 -4.49
C26 CYE C . -5.79 -5.34 -1.46
N10 CYE C . -4.65 -5.61 -0.77
C27 CYE C . -4.28 -6.98 -0.38
C32 CYE C . -0.15 -3.60 1.68
N12 CYE C . 0.84 -2.87 2.24
C33 CYE C . 1.96 -3.50 2.96
H55 CYE C . 7.56 1.16 4.99
H56 CYE C . 7.89 2.65 4.42
H2 CYE C . 7.01 1.05 2.73
H3 CYE C . 5.50 1.10 3.62
H4 CYE C . 5.66 2.61 1.57
H5 CYE C . 6.88 3.54 2.42
H43 CYE C . 4.90 4.76 2.66
H44 CYE C . 5.11 4.00 4.23
H42 CYE C . 3.88 1.35 2.32
H40 CYE C . 0.10 0.85 2.15
H35 CYE C . -1.15 -0.61 0.90
H34 CYE C . -2.86 -2.39 0.10
H29 CYE C . -4.56 -2.35 -1.21
H28 CYE C . -6.75 -2.28 -2.46
H45 CYE C . -8.38 -1.88 -3.89
H46 CYE C . -9.78 -2.86 -3.44
H26 CYE C . -9.01 -4.55 -5.20
H27 CYE C . -9.76 -3.06 -5.73
H24 CYE C . -7.75 -3.85 -7.04
H25 CYE C . -7.77 -2.16 -6.55
H23 CYE C . -5.85 -2.50 -5.27
H17 CYE C . -4.02 -2.09 -4.35
H16 CYE C . -1.79 -1.70 -3.10
H11 CYE C . -0.67 0.05 -2.18
H10 CYE C . 0.61 1.96 -1.04
H51 CYE C . -0.04 5.96 0.99
H52 CYE C . -0.04 9.01 1.86
H53 CYE C . -0.69 7.45 2.35
H49 CYE C . 1.82 8.62 3.61
H50 CYE C . 0.23 9.12 4.15
H47 CYE C . 1.34 7.34 5.51
H48 CYE C . -0.31 7.04 5.04
H1 CYE C . 0.41 5.08 3.98
H41 CYE C . 0.19 3.21 3.28
H6 CYE C . 3.71 6.41 -0.04
H7 CYE C . 5.42 3.41 -0.49
H8 CYE C . 4.85 3.73 -2.13
H9 CYE C . 5.44 5.08 -1.14
H12 CYE C . 3.10 -0.95 -0.48
H13 CYE C . 1.71 -4.14 -0.58
H14 CYE C . 2.52 -3.93 -2.15
H15 CYE C . 3.27 -3.30 -0.67
H18 CYE C . -1.82 -5.61 -3.29
H19 CYE C . -3.10 -7.39 -4.08
H20 CYE C . -4.84 -7.09 -3.98
H22 CYE C . -4.02 -7.01 -5.56
H30 CYE C . -6.48 -6.12 -1.75
H21 CYE C . 6.54 2.36 5.33
H31 CYE C . -4.17 -7.03 0.70
H32 CYE C . -5.05 -7.69 -0.70
H33 CYE C . -3.33 -7.25 -0.85
H36 CYE C . -0.15 -4.68 1.74
H37 CYE C . 1.80 -4.58 3.02
H38 CYE C . 2.90 -3.30 2.44
H39 CYE C . 2.01 -3.10 3.97
N16 CYE C . 7.05 4.09 4.20
C2 CYE C . 6.82 3.93 3.41
C3 CYE C . 5.93 3.75 3.05
C39 CYE C . 5.29 3.77 2.97
N14 CYE C . 3.98 3.31 2.94
C38 CYE C . 3.68 2.14 2.49
C36 CYE C . 2.41 1.90 2.61
N13 CYE C . 1.72 0.82 2.27
C35 CYE C . 2.22 -0.29 2.15
O7 CYE C . 3.34 -0.45 2.38
C34 CYE C . 1.29 -1.30 1.72
C31 CYE C . 0.01 -1.29 1.25
C30 CYE C . -0.40 -2.53 0.97
N11 CYE C . -1.60 -2.89 0.51
C29 CYE C . -2.03 -4.07 0.32
O6 CYE C . -1.38 -4.98 0.57
C28 CYE C . -3.35 -4.14 -0.22
C25 CYE C . -4.18 -3.21 -0.70
C24 CYE C . -5.33 -3.77 -1.10
N9 CYE C . -6.32 -3.13 -1.64
C23 CYE C . -7.42 -3.60 -2.10
O5 CYE C . -7.81 -4.55 -1.87
C41 CYE C . -8.22 -2.94 -2.95
C21 CYE C . -8.46 -3.31 -4.22
C20 CYE C . -7.50 -3.20 -5.21
N8 CYE C . -6.19 -3.28 -4.73
C22 CYE C . -5.57 -4.32 -4.59
O4 CYE C . -6.09 -5.34 -4.84
C19 CYE C . -4.25 -4.10 -4.08
C16 CYE C . -3.55 -2.98 -3.73
C15 CYE C . -2.33 -3.32 -3.28
N6 CYE C . -1.38 -2.48 -2.87
C14 CYE C . -0.20 -2.77 -2.54
O3 CYE C . 0.16 -3.86 -2.65
C13 CYE C . 0.63 -1.71 -2.03
C10 CYE C . 0.41 -0.42 -1.80
C9 CYE C . 1.54 0.16 -1.31
N4 CYE C . 1.67 1.41 -0.98
C8 CYE C . 2.76 2.07 -0.89
O2 CYE C . 3.77 1.59 -1.12
C7 CYE C . 2.63 3.42 -0.51
N2 CYE C . 1.63 3.95 0.04
C4 CYE C . 1.99 5.17 0.33
N15 CYE C . 1.22 5.92 1.01
C44 CYE C . 1.53 7.03 1.52
O8 CYE C . 2.48 7.61 1.27
C45 CYE C . 0.65 7.58 2.49
C43 CYE C . 1.34 7.84 3.81
C42 CYE C . 1.40 6.74 4.72
N1 CYE C . 1.73 5.54 4.11
C1 CYE C . 2.89 5.19 3.84
O1 CYE C . 3.80 5.91 3.99
C40 CYE C . 2.89 3.88 3.34
C37 CYE C . 1.89 2.99 3.12
C5 CYE C . 3.18 5.39 -0.08
N3 CYE C . 3.58 4.30 -0.61
C6 CYE C . 4.82 4.18 -1.17
C11 CYE C . 2.42 -0.76 -1.23
N5 CYE C . 1.89 -1.87 -1.67
C12 CYE C . 2.63 -3.01 -1.69
C17 CYE C . -2.31 -4.60 -3.34
N7 CYE C . -3.45 -5.07 -3.82
C18 CYE C . -3.70 -6.42 -3.98
C26 CYE C . -5.22 -5.04 -0.88
N10 CYE C . -4.03 -5.27 -0.36
C27 CYE C . -3.64 -6.53 -0.01
C32 CYE C . 0.61 -3.25 1.25
N12 CYE C . 1.62 -2.53 1.69
C33 CYE C . 2.83 -3.08 2.08
H55 CYE C . 7.04 4.24 4.38
H56 CYE C . 7.08 4.00 4.36
H2 CYE C . 7.06 4.21 3.18
H3 CYE C . 7.10 3.64 3.28
H4 CYE C . 5.87 3.63 2.93
H5 CYE C . 5.80 3.74 2.96
H43 CYE C . 5.46 3.88 2.81
H44 CYE C . 5.67 4.05 3.10
H42 CYE C . 4.38 1.51 2.13
H40 CYE C . 0.78 0.85 2.17
H35 CYE C . -0.59 -0.52 1.10
H34 CYE C . -2.24 -2.22 0.32
H29 CYE C . -3.99 -2.22 -0.77
H28 CYE C . -6.20 -2.22 -1.76
H45 CYE C . -7.95 -2.20 -2.89
H46 CYE C . -9.00 -2.96 -2.69
H26 CYE C . -8.80 -4.03 -4.22
H27 CYE C . -9.10 -2.95 -4.48
H24 CYE C . -7.72 -3.91 -5.92
H25 CYE C . -7.64 -2.33 -5.65
H23 CYE C . -5.65 -2.50 -4.54
H17 CYE C . -3.83 -2.03 -3.77
H16 CYE C . -1.56 -1.56 -2.83
H11 CYE C . -0.45 0.08 -1.96
H10 CYE C . 0.89 1.93 -0.92
H51 CYE C . 0.36 5.59 1.21
H52 CYE C . 0.33 8.47 2.11
H53 CYE C . -0.17 6.97 2.59
H49 CYE C . 2.30 8.19 3.68
H50 CYE C . 0.84 8.59 4.29
H47 CYE C . 2.09 6.97 5.52
H48 CYE C . 0.48 6.64 5.13
H1 CYE C . 1.11 4.82 4.04
H41 CYE C . 0.90 3.05 3.30
H6 CYE C . 3.74 6.24 0.00
H7 CYE C . 5.11 3.83 -1.16
H8 CYE C . 4.99 4.18 -1.66
H9 CYE C . 5.28 4.44 -1.13
H12 CYE C . 3.39 -0.65 -0.89
H13 CYE C . 2.83 -3.35 -1.70
H14 CYE C . 2.81 -3.27 -1.74
H15 CYE C . 2.82 -3.27 -1.68
H18 CYE C . -1.55 -5.20 -3.08
H19 CYE C . -3.97 -6.68 -4.00
H20 CYE C . -3.69 -6.81 -4.23
H22 CYE C . -3.62 -6.75 -3.84
H30 CYE C . -5.91 -5.77 -1.06
H21 CYE C . 7.18 4.13 4.47
H31 CYE C . -3.31 -6.71 0.18
H32 CYE C . -3.75 -6.90 0.23
H33 CYE C . -3.55 -6.93 -0.21
H36 CYE C . 0.65 -4.24 1.17
H37 CYE C . 3.21 -3.09 2.26
H38 CYE C . 3.10 -3.32 2.25
H39 CYE C . 3.09 -3.20 2.01
#